data_8IEE
#
_entry.id   8IEE
#
_cell.length_a   158.020
_cell.length_b   158.020
_cell.length_c   132.703
_cell.angle_alpha   90.00
_cell.angle_beta   90.00
_cell.angle_gamma   120.00
#
_symmetry.space_group_name_H-M   'P 31 2 1'
#
loop_
_entity.id
_entity.type
_entity.pdbx_description
1 polymer 'Spike protein S1'
2 polymer VHH-31
#
loop_
_entity_poly.entity_id
_entity_poly.type
_entity_poly.pdbx_seq_one_letter_code
_entity_poly.pdbx_strand_id
1 'polypeptide(L)'
;EAKPSGSVVEQAEGVECDFSPLLSGTPPQVYNFKRLVFTNCNYNLTKLLSLFSVNDFTCSQISPAAIASNCYSSLILDYF
SYPLSMKSDLSVSSAGPISQFNYKQSFSNPTCLILATVPHNLTTITKPLKYSYINKCSRLLSDDRTEVPQLVNANQYSPC
VSIVPSTVWEDGDYYRKQLSPLEGGGWLVASGSTVAMTEQLQMGFGITVQYGTDTNSVCPKLEHHHHHH
;
B,A
2 'polypeptide(L)'
;QVQLQESGGGSVQTGGSLRLSCAGSGYTDNSCSMGWYRQAPGRERELIGTIISDGTTYYSDAVKGRFTISLDNAKNTVYL
QMNNLKPEDTAMYICNTGWSQGSLVNRTTGWTRDCWSFGIWGQGTQVTVSS
;
D,C
#
# COMPACT_ATOMS: atom_id res chain seq x y z
N VAL A 15 -13.72 -19.73 -12.25
CA VAL A 15 -14.14 -18.47 -12.94
C VAL A 15 -12.96 -17.98 -13.78
N GLU A 16 -13.05 -18.08 -15.10
CA GLU A 16 -11.89 -17.70 -15.93
C GLU A 16 -11.80 -16.19 -15.95
N CYS A 17 -10.59 -15.65 -16.09
CA CYS A 17 -10.41 -14.19 -16.21
C CYS A 17 -10.89 -13.76 -17.60
N ASP A 18 -11.58 -12.63 -17.71
CA ASP A 18 -12.12 -12.20 -19.02
C ASP A 18 -11.18 -11.21 -19.67
N PHE A 19 -10.46 -11.63 -20.69
CA PHE A 19 -9.54 -10.73 -21.43
C PHE A 19 -10.31 -10.28 -22.66
N SER A 20 -11.61 -10.53 -22.65
CA SER A 20 -12.47 -10.20 -23.81
C SER A 20 -12.47 -8.70 -24.12
N PRO A 21 -12.47 -7.76 -23.17
CA PRO A 21 -12.51 -6.37 -23.54
C PRO A 21 -11.35 -6.03 -24.47
N LEU A 22 -10.21 -6.68 -24.30
CA LEU A 22 -9.02 -6.41 -25.14
C LEU A 22 -9.26 -6.84 -26.58
N LEU A 23 -9.92 -7.97 -26.78
CA LEU A 23 -9.99 -8.56 -28.14
C LEU A 23 -11.10 -7.95 -28.97
N SER A 24 -11.77 -6.93 -28.47
CA SER A 24 -12.85 -6.27 -29.23
C SER A 24 -12.71 -4.77 -29.22
N GLY A 25 -12.35 -4.18 -30.35
CA GLY A 25 -12.33 -2.72 -30.44
C GLY A 25 -10.98 -2.13 -30.73
N THR A 26 -10.98 -0.88 -31.21
CA THR A 26 -9.71 -0.19 -31.49
C THR A 26 -9.06 0.10 -30.15
N PRO A 27 -7.82 -0.34 -29.92
CA PRO A 27 -7.21 -0.17 -28.65
C PRO A 27 -6.88 1.30 -28.39
N PRO A 28 -6.83 1.69 -27.12
CA PRO A 28 -6.52 3.06 -26.78
C PRO A 28 -5.05 3.39 -27.02
N GLN A 29 -4.73 4.67 -27.13
CA GLN A 29 -3.33 5.10 -27.29
C GLN A 29 -2.66 5.01 -25.93
N VAL A 30 -1.34 5.09 -25.84
CA VAL A 30 -0.62 4.80 -24.57
C VAL A 30 -1.08 5.71 -23.43
N TYR A 31 -1.32 6.97 -23.69
CA TYR A 31 -1.72 7.92 -22.63
C TYR A 31 -3.14 7.62 -22.20
N ASN A 32 -3.85 6.81 -22.98
CA ASN A 32 -5.26 6.51 -22.69
C ASN A 32 -5.36 5.01 -22.48
N PHE A 33 -4.37 4.42 -21.82
CA PHE A 33 -4.31 2.95 -21.62
C PHE A 33 -5.54 2.43 -20.92
N LYS A 34 -5.97 1.23 -21.32
CA LYS A 34 -7.16 0.62 -20.68
C LYS A 34 -6.69 -0.44 -19.70
N ARG A 35 -7.14 -0.31 -18.46
CA ARG A 35 -6.69 -1.22 -17.39
C ARG A 35 -7.76 -2.24 -17.07
N LEU A 36 -7.40 -3.52 -17.12
CA LEU A 36 -8.33 -4.58 -16.73
C LEU A 36 -7.77 -5.16 -15.44
N VAL A 37 -8.51 -5.03 -14.35
CA VAL A 37 -8.05 -5.56 -13.04
C VAL A 37 -8.80 -6.86 -12.81
N PHE A 38 -8.05 -7.92 -12.55
CA PHE A 38 -8.66 -9.25 -12.40
C PHE A 38 -8.48 -9.68 -10.95
N THR A 39 -9.58 -10.02 -10.29
CA THR A 39 -9.56 -10.48 -8.89
C THR A 39 -10.45 -11.71 -8.85
N ASN A 40 -10.07 -12.74 -8.08
CA ASN A 40 -10.91 -13.96 -7.93
C ASN A 40 -11.21 -14.57 -9.29
N CYS A 41 -10.21 -14.68 -10.15
CA CYS A 41 -10.37 -15.30 -11.48
C CYS A 41 -9.16 -16.21 -11.74
N ASN A 42 -9.23 -17.12 -12.72
CA ASN A 42 -8.08 -17.99 -13.08
C ASN A 42 -7.70 -17.75 -14.54
N TYR A 43 -6.41 -17.65 -14.85
CA TYR A 43 -6.01 -17.25 -16.21
C TYR A 43 -4.99 -18.14 -16.90
N ASN A 44 -5.05 -18.21 -18.23
CA ASN A 44 -4.00 -18.91 -19.01
C ASN A 44 -3.46 -17.86 -19.97
N LEU A 45 -2.39 -17.17 -19.61
CA LEU A 45 -1.87 -16.06 -20.43
C LEU A 45 -1.27 -16.63 -21.71
N THR A 46 -1.04 -17.94 -21.72
CA THR A 46 -0.53 -18.56 -22.96
C THR A 46 -1.57 -18.42 -24.06
N LYS A 47 -2.84 -18.62 -23.76
CA LYS A 47 -3.90 -18.49 -24.79
C LYS A 47 -3.98 -17.04 -25.25
N LEU A 48 -3.91 -16.07 -24.34
CA LEU A 48 -4.10 -14.67 -24.79
C LEU A 48 -2.97 -14.32 -25.74
N LEU A 49 -1.74 -14.67 -25.34
CA LEU A 49 -0.57 -14.31 -26.16
C LEU A 49 -0.57 -15.19 -27.41
N SER A 50 -1.21 -16.35 -27.34
CA SER A 50 -1.24 -17.29 -28.48
C SER A 50 -1.99 -16.60 -29.62
N LEU A 51 -3.01 -15.82 -29.29
CA LEU A 51 -3.84 -15.15 -30.31
C LEU A 51 -3.05 -14.01 -30.95
N PHE A 52 -1.88 -13.68 -30.41
CA PHE A 52 -1.08 -12.54 -30.92
C PHE A 52 0.33 -13.01 -31.26
N SER A 53 1.06 -12.22 -32.05
CA SER A 53 2.47 -12.55 -32.33
C SER A 53 3.35 -11.75 -31.37
N VAL A 54 3.77 -12.35 -30.26
CA VAL A 54 4.56 -11.62 -29.22
C VAL A 54 5.94 -11.32 -29.78
N ASN A 55 6.41 -10.10 -29.59
CA ASN A 55 7.75 -9.70 -30.10
C ASN A 55 8.67 -9.45 -28.90
N ASP A 56 8.13 -9.21 -27.71
CA ASP A 56 8.98 -9.10 -26.50
C ASP A 56 8.16 -9.43 -25.25
N PHE A 57 8.75 -10.15 -24.29
CA PHE A 57 8.09 -10.46 -22.99
C PHE A 57 9.15 -10.23 -21.92
N THR A 58 9.33 -8.99 -21.49
CA THR A 58 10.42 -8.64 -20.54
C THR A 58 9.81 -8.29 -19.18
N CYS A 59 10.34 -8.85 -18.11
CA CYS A 59 9.72 -8.65 -16.78
C CYS A 59 10.76 -8.18 -15.75
N SER A 60 10.34 -7.43 -14.75
CA SER A 60 11.23 -6.90 -13.71
C SER A 60 10.66 -7.24 -12.33
N GLN A 61 11.42 -7.93 -11.47
CA GLN A 61 10.99 -8.31 -10.09
C GLN A 61 10.01 -9.48 -10.17
N ILE A 62 9.83 -10.04 -11.36
CA ILE A 62 8.93 -11.21 -11.59
C ILE A 62 9.51 -11.95 -12.80
N SER A 63 9.11 -13.19 -13.02
CA SER A 63 9.63 -13.99 -14.15
C SER A 63 8.48 -14.40 -15.05
N PRO A 64 8.54 -14.24 -16.37
CA PRO A 64 7.48 -14.74 -17.20
C PRO A 64 7.63 -16.20 -16.83
N ALA A 65 6.56 -16.90 -16.43
CA ALA A 65 6.56 -18.32 -15.99
C ALA A 65 6.35 -18.43 -14.49
N ALA A 66 6.82 -17.47 -13.70
CA ALA A 66 6.51 -17.52 -12.26
C ALA A 66 5.07 -17.10 -12.14
N ILE A 67 4.67 -16.16 -12.96
CA ILE A 67 3.26 -15.67 -12.97
C ILE A 67 2.39 -16.85 -13.36
N ALA A 68 2.87 -17.68 -14.27
CA ALA A 68 2.10 -18.85 -14.73
C ALA A 68 2.22 -20.02 -13.75
N SER A 69 3.12 -19.93 -12.78
CA SER A 69 3.33 -21.10 -11.89
C SER A 69 2.85 -20.78 -10.49
N ASN A 70 2.55 -19.52 -10.19
CA ASN A 70 2.22 -19.13 -8.80
C ASN A 70 0.94 -18.28 -8.76
N CYS A 71 0.43 -18.00 -7.56
CA CYS A 71 -0.85 -17.28 -7.40
C CYS A 71 -0.65 -15.93 -6.74
N TYR A 72 -1.31 -14.87 -7.21
CA TYR A 72 -1.10 -13.50 -6.68
C TYR A 72 -2.45 -12.87 -6.37
N SER A 73 -2.50 -11.81 -5.57
CA SER A 73 -3.79 -11.21 -5.15
C SER A 73 -4.54 -10.59 -6.33
N SER A 74 -3.83 -9.93 -7.23
CA SER A 74 -4.48 -9.25 -8.38
C SER A 74 -3.59 -9.28 -9.61
N LEU A 75 -4.20 -9.25 -10.80
CA LEU A 75 -3.43 -9.16 -12.06
C LEU A 75 -3.97 -7.91 -12.74
N ILE A 76 -3.09 -7.04 -13.20
CA ILE A 76 -3.53 -5.83 -13.94
C ILE A 76 -2.92 -5.87 -15.34
N LEU A 77 -3.74 -5.88 -16.38
CA LEU A 77 -3.23 -5.81 -17.76
C LEU A 77 -3.68 -4.47 -18.32
N ASP A 78 -2.72 -3.67 -18.78
CA ASP A 78 -3.03 -2.37 -19.40
C ASP A 78 -2.66 -2.54 -20.86
N TYR A 79 -3.57 -2.23 -21.77
CA TYR A 79 -3.32 -2.48 -23.20
C TYR A 79 -3.46 -1.17 -23.96
N PHE A 80 -2.65 -1.00 -24.99
CA PHE A 80 -2.66 0.26 -25.74
C PHE A 80 -2.02 0.01 -27.10
N SER A 81 -2.28 0.90 -28.04
CA SER A 81 -1.69 0.78 -29.40
C SER A 81 -0.33 1.44 -29.36
N TYR A 82 0.75 0.68 -29.61
CA TYR A 82 2.11 1.23 -29.47
C TYR A 82 2.98 0.71 -30.61
N PRO A 83 3.80 1.56 -31.24
CA PRO A 83 4.72 1.09 -32.26
C PRO A 83 5.90 0.27 -31.74
N LEU A 84 6.34 -0.75 -32.48
CA LEU A 84 7.54 -1.54 -32.08
C LEU A 84 8.73 -0.65 -32.34
N SER A 85 8.49 0.42 -33.07
CA SER A 85 9.57 1.37 -33.35
C SER A 85 10.05 1.90 -32.01
N MET A 86 9.18 1.98 -31.02
CA MET A 86 9.54 2.63 -29.72
C MET A 86 9.65 1.64 -28.57
N LYS A 87 9.92 0.36 -28.79
CA LYS A 87 9.89 -0.65 -27.70
C LYS A 87 10.93 -0.30 -26.65
N SER A 88 12.05 0.25 -27.08
CA SER A 88 13.13 0.62 -26.15
C SER A 88 12.62 1.71 -25.22
N ASP A 89 11.86 2.66 -25.76
CA ASP A 89 11.38 3.84 -25.00
C ASP A 89 10.33 3.48 -23.95
N LEU A 90 9.58 2.39 -24.11
CA LEU A 90 8.45 2.07 -23.19
C LEU A 90 8.93 1.90 -21.76
N SER A 91 10.08 1.29 -21.54
CA SER A 91 10.55 1.03 -20.15
C SER A 91 11.18 2.26 -19.52
N VAL A 92 11.30 2.26 -18.19
CA VAL A 92 11.93 3.39 -17.45
C VAL A 92 13.42 3.33 -17.75
N SER A 93 13.87 2.23 -18.32
CA SER A 93 15.30 2.05 -18.65
C SER A 93 15.67 3.14 -19.63
N SER A 94 14.77 3.44 -20.57
CA SER A 94 15.02 4.50 -21.56
C SER A 94 14.29 5.75 -21.12
N ALA A 95 14.98 6.89 -21.16
CA ALA A 95 14.40 8.15 -20.70
C ALA A 95 13.89 8.92 -21.89
N GLY A 96 12.66 9.41 -21.79
CA GLY A 96 12.05 10.08 -22.94
C GLY A 96 10.59 10.33 -22.64
N PRO A 97 9.80 10.77 -23.63
CA PRO A 97 8.42 11.13 -23.35
C PRO A 97 7.46 10.06 -22.82
N ILE A 98 7.49 8.83 -23.34
CA ILE A 98 6.49 7.80 -22.92
C ILE A 98 6.65 7.54 -21.43
N SER A 99 7.88 7.34 -20.99
CA SER A 99 8.15 7.07 -19.57
C SER A 99 7.88 8.34 -18.73
N GLN A 100 8.29 9.50 -19.22
CA GLN A 100 8.12 10.79 -18.50
C GLN A 100 6.67 11.30 -18.47
N PHE A 101 5.94 11.27 -19.58
CA PHE A 101 4.59 11.90 -19.62
C PHE A 101 3.45 11.00 -20.13
N ASN A 102 3.66 9.72 -20.42
CA ASN A 102 2.57 8.90 -21.02
C ASN A 102 2.18 7.69 -20.15
N TYR A 103 3.04 6.67 -20.05
CA TYR A 103 2.76 5.46 -19.24
C TYR A 103 3.94 5.09 -18.36
N LYS A 104 3.72 5.00 -17.04
CA LYS A 104 4.78 4.51 -16.13
C LYS A 104 4.17 3.44 -15.25
N GLN A 105 4.86 2.33 -15.10
CA GLN A 105 4.40 1.20 -14.25
C GLN A 105 5.15 1.31 -12.93
N SER A 106 4.73 0.55 -11.92
CA SER A 106 5.49 0.52 -10.65
C SER A 106 6.60 -0.49 -10.88
N PHE A 107 7.77 -0.04 -11.33
CA PHE A 107 8.86 -0.96 -11.74
C PHE A 107 9.37 -1.82 -10.59
N SER A 108 9.46 -1.23 -9.40
CA SER A 108 9.96 -1.95 -8.22
C SER A 108 9.03 -3.12 -7.92
N ASN A 109 7.74 -2.96 -8.22
CA ASN A 109 6.74 -4.02 -8.02
C ASN A 109 6.92 -5.02 -9.16
N PRO A 110 6.41 -6.26 -9.09
CA PRO A 110 6.57 -7.16 -10.21
C PRO A 110 5.88 -6.59 -11.46
N THR A 111 6.61 -6.45 -12.58
CA THR A 111 6.06 -5.87 -13.82
C THR A 111 6.48 -6.68 -15.01
N CYS A 112 5.68 -6.71 -16.06
CA CYS A 112 6.07 -7.35 -17.32
C CYS A 112 5.63 -6.41 -18.43
N LEU A 113 6.45 -6.21 -19.46
CA LEU A 113 6.01 -5.40 -20.62
C LEU A 113 6.05 -6.28 -21.85
N ILE A 114 4.93 -6.39 -22.58
CA ILE A 114 4.80 -7.31 -23.73
C ILE A 114 4.51 -6.48 -24.98
N LEU A 115 5.20 -6.77 -26.06
CA LEU A 115 4.98 -6.05 -27.33
C LEU A 115 4.51 -7.11 -28.32
N ALA A 116 3.39 -6.89 -28.99
CA ALA A 116 2.82 -7.92 -29.87
C ALA A 116 2.19 -7.30 -31.11
N THR A 117 2.05 -8.08 -32.18
CA THR A 117 1.46 -7.60 -33.43
C THR A 117 0.15 -8.34 -33.65
N VAL A 118 -0.92 -7.61 -33.99
CA VAL A 118 -2.27 -8.25 -34.10
C VAL A 118 -2.35 -8.97 -35.44
N PRO A 119 -2.64 -10.28 -35.42
CA PRO A 119 -2.67 -11.04 -36.65
C PRO A 119 -3.87 -10.67 -37.52
N HIS A 120 -3.79 -10.96 -38.82
CA HIS A 120 -4.89 -10.64 -39.77
C HIS A 120 -6.12 -11.44 -39.36
N ASN A 121 -5.91 -12.58 -38.71
CA ASN A 121 -7.04 -13.41 -38.22
C ASN A 121 -7.86 -12.64 -37.18
N LEU A 122 -7.23 -11.82 -36.32
CA LEU A 122 -7.97 -11.12 -35.24
C LEU A 122 -8.65 -9.90 -35.83
N THR A 123 -9.82 -10.10 -36.45
CA THR A 123 -10.60 -9.00 -37.05
C THR A 123 -11.13 -8.07 -35.96
N THR A 124 -11.48 -8.62 -34.80
CA THR A 124 -12.10 -7.83 -33.71
C THR A 124 -11.19 -6.73 -33.16
N ILE A 125 -9.87 -6.91 -33.16
CA ILE A 125 -8.97 -5.80 -32.72
C ILE A 125 -8.69 -4.90 -33.93
N THR A 126 -9.40 -3.79 -34.02
CA THR A 126 -9.30 -2.84 -35.15
C THR A 126 -8.09 -1.94 -35.02
N LYS A 127 -7.71 -1.25 -36.09
CA LYS A 127 -6.47 -0.45 -36.08
C LYS A 127 -6.78 1.03 -36.04
N PRO A 128 -6.11 1.83 -35.19
CA PRO A 128 -6.29 3.26 -35.21
C PRO A 128 -5.67 3.85 -36.48
N LEU A 129 -5.91 5.13 -36.75
CA LEU A 129 -5.44 5.73 -38.02
C LEU A 129 -3.95 6.05 -37.93
N LYS A 130 -3.42 6.16 -36.72
CA LYS A 130 -1.99 6.48 -36.51
C LYS A 130 -1.63 6.16 -35.07
N TYR A 131 -0.35 6.28 -34.72
CA TYR A 131 0.09 6.09 -33.32
C TYR A 131 0.38 7.46 -32.75
N SER A 132 -0.01 7.71 -31.51
CA SER A 132 0.12 9.05 -30.91
C SER A 132 0.67 8.96 -29.49
N TYR A 133 1.34 10.03 -29.04
CA TYR A 133 1.90 10.08 -27.68
C TYR A 133 2.08 11.56 -27.31
N ILE A 134 2.22 11.86 -26.03
CA ILE A 134 2.36 13.25 -25.54
C ILE A 134 3.85 13.56 -25.43
N ASN A 135 4.36 14.48 -26.25
CA ASN A 135 5.78 14.88 -26.17
C ASN A 135 6.01 15.61 -24.86
N LYS A 136 5.13 16.53 -24.48
CA LYS A 136 5.29 17.16 -23.16
C LYS A 136 3.97 17.58 -22.53
N CYS A 137 3.82 17.36 -21.23
CA CYS A 137 2.68 17.88 -20.47
C CYS A 137 3.34 18.80 -19.44
N SER A 138 3.10 20.10 -19.53
CA SER A 138 3.70 21.07 -18.61
C SER A 138 2.59 21.99 -18.12
N ARG A 139 2.85 22.73 -17.06
CA ARG A 139 1.82 23.64 -16.50
C ARG A 139 2.42 25.05 -16.40
N LEU A 140 1.93 26.00 -17.19
CA LEU A 140 2.36 27.40 -17.00
C LEU A 140 1.66 27.89 -15.75
N LEU A 141 2.33 28.70 -14.93
CA LEU A 141 1.76 29.11 -13.63
C LEU A 141 1.08 30.47 -13.73
N SER A 142 0.70 31.05 -12.60
CA SER A 142 -0.06 32.32 -12.61
C SER A 142 0.81 33.45 -13.17
N ASP A 143 2.12 33.36 -13.03
CA ASP A 143 3.07 34.38 -13.56
C ASP A 143 2.99 34.46 -15.08
N ASP A 144 2.61 33.37 -15.75
CA ASP A 144 2.55 33.30 -17.23
C ASP A 144 3.94 33.04 -17.77
N ARG A 145 4.88 32.66 -16.90
CA ARG A 145 6.24 32.27 -17.38
C ARG A 145 6.63 30.91 -16.82
N THR A 146 6.48 30.71 -15.51
CA THR A 146 7.04 29.48 -14.87
C THR A 146 6.40 28.23 -15.44
N GLU A 147 7.23 27.23 -15.72
CA GLU A 147 6.73 25.95 -16.26
C GLU A 147 7.05 24.85 -15.26
N VAL A 148 6.03 24.13 -14.80
CA VAL A 148 6.29 22.96 -13.93
C VAL A 148 5.89 21.74 -14.74
N PRO A 149 6.87 21.00 -15.31
CA PRO A 149 6.57 19.84 -16.11
C PRO A 149 5.76 18.83 -15.30
N GLN A 150 4.74 18.27 -15.91
CA GLN A 150 3.81 17.36 -15.18
C GLN A 150 4.17 15.91 -15.52
N LEU A 151 5.21 15.38 -14.89
CA LEU A 151 5.68 14.01 -15.20
C LEU A 151 4.62 13.02 -14.71
N VAL A 152 4.38 11.94 -15.46
CA VAL A 152 3.28 10.99 -15.10
C VAL A 152 3.63 10.23 -13.83
N ASN A 153 2.62 10.04 -12.98
CA ASN A 153 2.82 9.21 -11.79
C ASN A 153 2.48 7.80 -12.23
N ALA A 154 2.78 6.80 -11.42
CA ALA A 154 2.61 5.39 -11.85
C ALA A 154 1.20 4.92 -11.65
N ASN A 155 0.70 4.10 -12.57
CA ASN A 155 -0.64 3.51 -12.45
C ASN A 155 -1.65 4.65 -12.51
N GLN A 156 -1.30 5.73 -13.19
CA GLN A 156 -2.19 6.91 -13.32
C GLN A 156 -2.03 7.52 -14.70
N TYR A 157 -3.01 8.27 -15.15
CA TYR A 157 -2.99 8.90 -16.50
C TYR A 157 -2.34 10.28 -16.41
N SER A 158 -2.05 10.88 -17.55
CA SER A 158 -1.46 12.24 -17.58
C SER A 158 -2.50 13.24 -17.16
N PRO A 159 -2.12 14.38 -16.57
CA PRO A 159 -3.09 15.41 -16.29
C PRO A 159 -3.57 16.04 -17.60
N CYS A 160 -2.88 15.74 -18.70
CA CYS A 160 -3.13 16.42 -20.00
C CYS A 160 -4.04 15.59 -20.92
N VAL A 161 -4.55 14.46 -20.46
CA VAL A 161 -5.40 13.58 -21.30
C VAL A 161 -6.67 14.34 -21.68
N SER A 162 -7.08 15.30 -20.85
CA SER A 162 -8.28 16.13 -21.12
C SER A 162 -8.06 16.99 -22.35
N ILE A 163 -6.87 17.59 -22.46
CA ILE A 163 -6.62 18.56 -23.58
C ILE A 163 -5.98 17.88 -24.78
N VAL A 164 -5.47 16.66 -24.64
CA VAL A 164 -4.74 15.99 -25.75
C VAL A 164 -5.72 15.07 -26.49
N PRO A 165 -5.79 15.11 -27.82
CA PRO A 165 -6.76 14.34 -28.56
C PRO A 165 -6.46 12.84 -28.50
N SER A 166 -7.48 12.00 -28.65
CA SER A 166 -7.29 10.53 -28.64
C SER A 166 -6.40 10.12 -29.79
N THR A 167 -6.55 10.72 -30.97
CA THR A 167 -5.58 10.50 -32.07
C THR A 167 -5.12 11.89 -32.49
N VAL A 168 -3.81 12.14 -32.53
CA VAL A 168 -3.26 13.50 -32.81
C VAL A 168 -3.30 13.76 -34.31
N TRP A 169 -3.85 14.89 -34.71
CA TRP A 169 -4.01 15.14 -36.15
C TRP A 169 -2.66 15.29 -36.84
N GLU A 170 -1.77 16.11 -36.27
CA GLU A 170 -0.47 16.39 -36.92
C GLU A 170 0.58 16.40 -35.82
N ASP A 171 1.81 15.97 -36.12
CA ASP A 171 2.90 15.93 -35.11
C ASP A 171 3.20 17.37 -34.69
N GLY A 172 3.35 17.60 -33.41
CA GLY A 172 3.74 18.94 -32.96
C GLY A 172 2.53 19.80 -32.70
N ASP A 173 1.36 19.19 -32.76
CA ASP A 173 0.13 19.95 -32.43
C ASP A 173 0.23 20.37 -30.97
N TYR A 174 -0.27 21.56 -30.64
CA TYR A 174 -0.17 22.09 -29.27
C TYR A 174 -1.57 22.30 -28.68
N TYR A 175 -1.71 22.07 -27.38
CA TYR A 175 -3.04 22.13 -26.74
C TYR A 175 -2.98 22.96 -25.46
N ARG A 176 -4.09 23.58 -25.06
CA ARG A 176 -4.10 24.47 -23.88
C ARG A 176 -5.40 24.37 -23.09
N LYS A 177 -5.33 24.58 -21.78
CA LYS A 177 -6.53 24.62 -20.91
C LYS A 177 -6.23 25.66 -19.84
N GLN A 178 -7.20 26.47 -19.43
CA GLN A 178 -6.94 27.42 -18.33
C GLN A 178 -7.43 26.78 -17.05
N LEU A 179 -6.53 26.64 -16.10
CA LEU A 179 -6.90 26.03 -14.82
C LEU A 179 -7.64 27.08 -13.99
N SER A 180 -8.60 26.65 -13.18
CA SER A 180 -9.45 27.59 -12.42
C SER A 180 -8.65 28.21 -11.29
N PRO A 181 -9.06 29.34 -10.73
CA PRO A 181 -8.28 30.01 -9.70
C PRO A 181 -8.10 29.05 -8.52
N LEU A 182 -9.08 28.20 -8.28
CA LEU A 182 -9.01 27.22 -7.17
C LEU A 182 -7.89 26.23 -7.43
N GLU A 183 -7.57 25.96 -8.69
CA GLU A 183 -6.56 24.93 -9.02
C GLU A 183 -5.18 25.56 -8.91
N GLY A 184 -5.12 26.81 -8.49
CA GLY A 184 -3.84 27.51 -8.40
C GLY A 184 -3.66 28.41 -9.59
N GLY A 185 -4.62 28.39 -10.50
CA GLY A 185 -4.58 29.29 -11.65
C GLY A 185 -3.62 28.78 -12.69
N GLY A 186 -3.50 29.50 -13.79
CA GLY A 186 -2.50 29.11 -14.78
C GLY A 186 -3.11 28.45 -15.98
N TRP A 187 -2.26 27.87 -16.81
CA TRP A 187 -2.71 27.19 -18.04
C TRP A 187 -2.13 25.79 -18.01
N LEU A 188 -2.76 24.83 -18.68
CA LEU A 188 -2.17 23.49 -18.81
C LEU A 188 -1.79 23.40 -20.28
N VAL A 189 -0.54 23.08 -20.55
CA VAL A 189 -0.08 23.04 -21.95
C VAL A 189 0.38 21.63 -22.25
N ALA A 190 0.25 21.23 -23.50
CA ALA A 190 0.66 19.88 -23.91
C ALA A 190 1.09 19.90 -25.36
N SER A 191 1.81 18.87 -25.77
CA SER A 191 2.25 18.74 -27.17
C SER A 191 2.08 17.28 -27.55
N GLY A 192 1.91 17.00 -28.84
CA GLY A 192 1.68 15.62 -29.27
C GLY A 192 2.60 15.19 -30.39
N SER A 193 2.86 13.89 -30.48
CA SER A 193 3.71 13.36 -31.56
C SER A 193 3.00 12.22 -32.28
N THR A 194 3.25 12.06 -33.57
CA THR A 194 2.54 11.06 -34.39
C THR A 194 3.53 10.10 -35.05
N VAL A 195 3.26 8.81 -34.99
CA VAL A 195 4.09 7.77 -35.65
C VAL A 195 3.12 7.07 -36.59
N ALA A 196 3.52 6.74 -37.80
CA ALA A 196 2.60 6.20 -38.80
C ALA A 196 2.12 4.79 -38.44
N MET A 197 0.92 4.46 -38.87
CA MET A 197 0.34 3.13 -38.55
C MET A 197 1.03 2.07 -39.39
N THR A 198 1.17 0.88 -38.83
CA THR A 198 1.82 -0.24 -39.52
C THR A 198 0.76 -0.98 -40.32
N GLU A 199 1.14 -2.01 -41.07
CA GLU A 199 0.15 -2.84 -41.79
C GLU A 199 -0.67 -3.62 -40.79
N GLN A 200 -0.02 -4.15 -39.76
CA GLN A 200 -0.75 -4.87 -38.70
C GLN A 200 -0.56 -4.09 -37.41
N LEU A 201 -1.62 -3.98 -36.64
CA LEU A 201 -1.54 -3.16 -35.42
C LEU A 201 -0.50 -3.74 -34.49
N GLN A 202 0.33 -2.88 -33.93
CA GLN A 202 1.32 -3.31 -32.94
C GLN A 202 0.76 -2.78 -31.63
N MET A 203 0.75 -3.61 -30.60
CA MET A 203 0.10 -3.18 -29.35
C MET A 203 1.08 -3.38 -28.21
N GLY A 204 0.83 -2.71 -27.10
CA GLY A 204 1.67 -2.86 -25.91
C GLY A 204 0.83 -3.33 -24.76
N PHE A 205 1.39 -4.20 -23.93
CA PHE A 205 0.64 -4.73 -22.78
C PHE A 205 1.48 -4.54 -21.53
N GLY A 206 0.85 -4.11 -20.44
CA GLY A 206 1.57 -4.00 -19.16
C GLY A 206 0.92 -4.87 -18.11
N ILE A 207 1.66 -5.85 -17.61
CA ILE A 207 1.14 -6.78 -16.56
C ILE A 207 1.82 -6.42 -15.24
N THR A 208 1.03 -6.09 -14.22
CA THR A 208 1.58 -5.81 -12.88
C THR A 208 0.82 -6.76 -11.97
N VAL A 209 1.51 -7.50 -11.11
CA VAL A 209 0.86 -8.50 -10.23
C VAL A 209 1.15 -8.08 -8.80
N GLN A 210 0.26 -8.41 -7.87
CA GLN A 210 0.43 -7.91 -6.49
C GLN A 210 0.36 -9.03 -5.47
N TYR A 211 1.32 -9.06 -4.55
CA TYR A 211 1.32 -10.03 -3.44
C TYR A 211 0.36 -9.50 -2.39
N GLY A 212 -0.25 -10.38 -1.61
CA GLY A 212 -1.26 -9.92 -0.65
C GLY A 212 -1.47 -10.95 0.42
N THR A 213 -2.29 -10.64 1.42
CA THR A 213 -2.62 -11.67 2.45
C THR A 213 -3.35 -12.86 1.80
N ASP A 214 -4.35 -12.63 0.96
CA ASP A 214 -5.09 -13.81 0.41
C ASP A 214 -4.22 -14.60 -0.57
N THR A 215 -3.60 -13.95 -1.55
CA THR A 215 -2.74 -14.62 -2.57
C THR A 215 -3.57 -15.46 -3.55
N ASN A 216 -4.39 -16.38 -3.06
CA ASN A 216 -5.11 -17.31 -3.95
C ASN A 216 -6.21 -16.59 -4.73
N SER A 217 -5.97 -15.38 -5.22
CA SER A 217 -7.09 -14.74 -5.93
C SER A 217 -6.93 -14.91 -7.44
N VAL A 218 -5.74 -14.64 -7.98
CA VAL A 218 -5.53 -14.87 -9.43
C VAL A 218 -4.50 -15.98 -9.66
N CYS A 219 -4.94 -17.24 -9.61
CA CYS A 219 -4.05 -18.36 -9.91
C CYS A 219 -4.04 -18.64 -11.41
N PRO A 220 -3.17 -19.56 -11.88
CA PRO A 220 -3.12 -19.87 -13.32
C PRO A 220 -4.00 -21.05 -13.74
N LYS A 221 -3.49 -21.91 -14.64
CA LYS A 221 -4.34 -22.87 -15.34
C LYS A 221 -5.54 -22.21 -15.99
N GLN B 1 6.57 27.81 8.63
CA GLN B 1 6.57 26.34 8.82
C GLN B 1 7.15 25.66 7.59
N VAL B 2 6.50 25.81 6.43
CA VAL B 2 6.99 25.02 5.26
C VAL B 2 7.87 25.93 4.39
N GLN B 3 9.08 25.46 4.10
CA GLN B 3 10.05 26.30 3.37
C GLN B 3 11.02 25.40 2.61
N LEU B 4 11.70 25.96 1.63
CA LEU B 4 12.76 25.22 0.89
C LEU B 4 14.00 26.12 0.91
N GLN B 5 15.17 25.58 1.28
CA GLN B 5 16.37 26.44 1.40
C GLN B 5 17.45 25.99 0.45
N GLU B 6 18.02 26.94 -0.29
CA GLU B 6 19.05 26.61 -1.29
C GLU B 6 20.43 26.93 -0.75
N SER B 7 21.38 26.02 -0.93
CA SER B 7 22.77 26.22 -0.47
C SER B 7 23.71 25.63 -1.51
N GLY B 8 24.98 26.05 -1.51
CA GLY B 8 25.98 25.47 -2.43
C GLY B 8 26.47 26.43 -3.49
N GLY B 9 25.91 27.63 -3.52
CA GLY B 9 26.30 28.62 -4.53
C GLY B 9 27.56 29.34 -4.15
N GLY B 10 28.06 30.18 -5.05
CA GLY B 10 29.24 31.00 -4.73
C GLY B 10 29.93 31.55 -5.95
N SER B 11 31.26 31.65 -5.90
CA SER B 11 32.05 32.13 -7.04
C SER B 11 32.86 30.96 -7.58
N VAL B 12 32.73 30.67 -8.87
CA VAL B 12 33.46 29.53 -9.47
C VAL B 12 34.12 30.07 -10.73
N GLN B 13 35.20 29.42 -11.16
CA GLN B 13 35.93 29.84 -12.36
C GLN B 13 35.35 29.08 -13.55
N THR B 14 35.55 29.58 -14.76
CA THR B 14 34.93 28.93 -15.92
C THR B 14 35.45 27.50 -16.00
N GLY B 15 34.58 26.55 -16.33
CA GLY B 15 34.98 25.13 -16.38
C GLY B 15 34.85 24.49 -15.02
N GLY B 16 34.37 25.27 -14.06
CA GLY B 16 34.20 24.76 -12.69
C GLY B 16 32.96 23.92 -12.51
N SER B 17 32.85 23.25 -11.37
CA SER B 17 31.65 22.45 -11.07
C SER B 17 31.14 22.82 -9.68
N LEU B 18 29.82 22.93 -9.53
CA LEU B 18 29.22 23.22 -8.21
C LEU B 18 28.06 22.25 -7.96
N ARG B 19 27.82 21.90 -6.70
CA ARG B 19 26.62 21.08 -6.38
C ARG B 19 25.73 21.93 -5.49
N LEU B 20 24.48 22.13 -5.91
CA LEU B 20 23.56 22.99 -5.15
C LEU B 20 22.50 22.09 -4.52
N SER B 21 21.92 22.53 -3.41
CA SER B 21 20.92 21.71 -2.70
C SER B 21 19.70 22.56 -2.31
N CYS B 22 18.50 22.00 -2.37
CA CYS B 22 17.26 22.69 -1.89
C CYS B 22 16.68 21.76 -0.86
N ALA B 23 16.51 22.22 0.38
CA ALA B 23 16.05 21.33 1.45
C ALA B 23 14.72 21.77 2.05
N GLY B 24 13.82 20.82 2.22
CA GLY B 24 12.50 21.11 2.78
C GLY B 24 12.52 21.20 4.28
N SER B 25 11.63 22.02 4.84
CA SER B 25 11.67 22.24 6.29
C SER B 25 10.48 21.65 7.04
N GLY B 26 9.26 21.87 6.58
CA GLY B 26 8.10 21.44 7.40
C GLY B 26 7.42 20.16 6.99
N TYR B 27 7.98 19.39 6.07
CA TYR B 27 7.25 18.21 5.55
C TYR B 27 8.07 16.93 5.72
N THR B 28 7.48 15.87 6.28
CA THR B 28 8.17 14.56 6.34
C THR B 28 8.29 13.95 4.96
N ASP B 29 7.23 14.01 4.15
CA ASP B 29 7.23 13.32 2.84
C ASP B 29 6.69 14.20 1.72
N ASN B 30 7.20 14.02 0.49
CA ASN B 30 6.73 14.77 -0.70
C ASN B 30 6.51 13.78 -1.84
N SER B 31 5.31 13.74 -2.43
CA SER B 31 5.02 12.87 -3.60
C SER B 31 4.79 13.84 -4.74
N CYS B 32 5.23 15.07 -4.53
CA CYS B 32 4.98 16.16 -5.48
C CYS B 32 6.20 16.36 -6.36
N SER B 33 6.19 17.38 -7.20
CA SER B 33 7.32 17.69 -8.09
C SER B 33 8.31 18.58 -7.37
N MET B 34 9.60 18.43 -7.66
CA MET B 34 10.62 19.34 -7.09
C MET B 34 11.42 19.84 -8.30
N GLY B 35 11.67 21.13 -8.40
CA GLY B 35 12.30 21.64 -9.62
C GLY B 35 13.34 22.70 -9.39
N TRP B 36 14.22 22.89 -10.37
CA TRP B 36 15.32 23.87 -10.27
C TRP B 36 15.15 24.92 -11.36
N TYR B 37 15.47 26.18 -11.04
CA TYR B 37 15.27 27.30 -11.99
C TYR B 37 16.44 28.26 -11.90
N ARG B 38 16.66 29.07 -12.93
CA ARG B 38 17.71 30.12 -12.87
C ARG B 38 17.17 31.47 -13.33
N GLN B 39 17.42 32.53 -12.56
CA GLN B 39 17.00 33.89 -12.96
C GLN B 39 18.18 34.85 -12.85
N ALA B 40 18.32 35.74 -13.82
CA ALA B 40 19.45 36.68 -13.85
C ALA B 40 18.88 38.07 -13.77
N PRO B 41 19.61 39.09 -13.27
CA PRO B 41 18.99 40.39 -13.12
C PRO B 41 18.53 40.89 -14.49
N GLY B 42 17.30 41.38 -14.57
CA GLY B 42 16.73 41.86 -15.83
C GLY B 42 16.43 40.73 -16.78
N ARG B 43 16.40 39.50 -16.30
CA ARG B 43 16.23 38.34 -17.22
C ARG B 43 15.15 37.39 -16.72
N GLU B 44 14.69 36.51 -17.60
CA GLU B 44 13.58 35.59 -17.29
C GLU B 44 13.98 34.45 -16.38
N ARG B 45 13.01 33.88 -15.68
CA ARG B 45 13.29 32.66 -14.90
C ARG B 45 13.20 31.52 -15.90
N GLU B 46 14.16 30.61 -15.89
CA GLU B 46 14.21 29.55 -16.90
C GLU B 46 14.23 28.22 -16.16
N LEU B 47 13.54 27.22 -16.70
CA LEU B 47 13.54 25.89 -16.07
C LEU B 47 14.88 25.22 -16.31
N ILE B 48 15.39 24.56 -15.29
CA ILE B 48 16.62 23.75 -15.50
C ILE B 48 16.10 22.32 -15.64
N GLY B 49 15.38 21.84 -14.64
CA GLY B 49 14.83 20.48 -14.64
C GLY B 49 13.80 20.26 -13.56
N THR B 50 13.00 19.20 -13.66
CA THR B 50 12.02 18.83 -12.62
C THR B 50 12.26 17.36 -12.27
N ILE B 51 12.14 17.00 -10.99
CA ILE B 51 12.35 15.59 -10.57
C ILE B 51 11.20 15.11 -9.69
N ILE B 52 10.83 13.83 -9.81
CA ILE B 52 9.83 13.23 -8.90
C ILE B 52 10.57 12.21 -8.05
N SER B 53 9.89 11.62 -7.09
CA SER B 53 10.56 10.73 -6.11
C SER B 53 11.21 9.53 -6.77
N ASP B 54 10.58 8.97 -7.80
CA ASP B 54 11.08 7.76 -8.50
C ASP B 54 12.39 8.08 -9.23
N GLY B 55 12.65 9.36 -9.43
CA GLY B 55 13.85 9.78 -10.17
C GLY B 55 13.53 10.27 -11.56
N THR B 56 12.28 10.23 -11.97
CA THR B 56 11.99 10.64 -13.36
C THR B 56 12.40 12.10 -13.44
N THR B 57 13.11 12.46 -14.50
CA THR B 57 13.62 13.84 -14.61
C THR B 57 13.27 14.41 -15.98
N TYR B 58 12.83 15.66 -16.03
CA TYR B 58 12.67 16.32 -17.33
C TYR B 58 13.70 17.43 -17.30
N TYR B 59 14.51 17.54 -18.35
CA TYR B 59 15.57 18.54 -18.34
C TYR B 59 15.34 19.51 -19.51
N SER B 60 15.48 20.80 -19.24
CA SER B 60 15.38 21.76 -20.35
C SER B 60 16.53 21.42 -21.28
N ASP B 61 16.31 21.47 -22.58
CA ASP B 61 17.34 21.01 -23.53
C ASP B 61 18.59 21.85 -23.32
N ALA B 62 18.43 23.12 -22.96
CA ALA B 62 19.59 24.03 -22.87
C ALA B 62 20.59 23.52 -21.82
N VAL B 63 20.11 23.05 -20.68
CA VAL B 63 21.01 22.62 -19.58
C VAL B 63 21.29 21.14 -19.73
N LYS B 64 20.64 20.50 -20.70
CA LYS B 64 20.78 19.02 -20.84
C LYS B 64 22.20 18.68 -21.26
N GLY B 65 22.76 17.61 -20.69
CA GLY B 65 24.12 17.17 -21.01
C GLY B 65 25.12 17.73 -20.02
N ARG B 66 24.72 18.73 -19.26
CA ARG B 66 25.64 19.36 -18.29
C ARG B 66 25.09 19.22 -16.88
N PHE B 67 23.84 19.64 -16.67
CA PHE B 67 23.27 19.66 -15.30
C PHE B 67 22.54 18.35 -15.00
N THR B 68 22.71 17.84 -13.78
CA THR B 68 22.09 16.57 -13.37
C THR B 68 21.35 16.81 -12.05
N ILE B 69 20.13 16.26 -11.88
CA ILE B 69 19.31 16.54 -10.67
C ILE B 69 18.99 15.22 -9.96
N SER B 70 19.01 15.24 -8.63
CA SER B 70 18.72 14.03 -7.82
C SER B 70 17.85 14.40 -6.62
N LEU B 71 17.11 13.44 -6.04
CA LEU B 71 16.30 13.68 -4.82
C LEU B 71 16.67 12.66 -3.75
N ASP B 72 17.03 13.10 -2.53
CA ASP B 72 17.33 12.16 -1.42
C ASP B 72 16.07 11.49 -0.91
N ASN B 73 15.00 12.25 -0.71
CA ASN B 73 13.69 11.69 -0.25
C ASN B 73 13.69 11.55 1.28
N ALA B 74 14.61 10.81 1.86
CA ALA B 74 14.69 10.69 3.33
C ALA B 74 15.04 12.06 3.89
N LYS B 75 16.01 12.71 3.27
CA LYS B 75 16.33 14.11 3.61
C LYS B 75 15.65 14.81 2.44
N ASN B 76 14.76 15.74 2.71
CA ASN B 76 13.96 16.27 1.58
C ASN B 76 14.83 17.29 0.86
N THR B 77 15.85 16.80 0.17
CA THR B 77 16.80 17.68 -0.54
C THR B 77 16.87 17.30 -2.01
N VAL B 78 16.79 18.28 -2.91
CA VAL B 78 16.93 18.04 -4.38
C VAL B 78 18.29 18.65 -4.73
N TYR B 79 19.07 18.01 -5.60
CA TYR B 79 20.45 18.48 -5.85
C TYR B 79 20.65 18.82 -7.32
N LEU B 80 21.43 19.87 -7.61
CA LEU B 80 21.77 20.20 -9.01
C LEU B 80 23.29 20.10 -9.16
N GLN B 81 23.75 19.20 -10.02
CA GLN B 81 25.20 19.13 -10.30
C GLN B 81 25.40 19.89 -11.59
N MET B 82 26.00 21.07 -11.46
CA MET B 82 26.29 21.89 -12.64
C MET B 82 27.74 21.58 -12.99
N ASN B 83 27.99 21.16 -14.23
CA ASN B 83 29.34 20.75 -14.66
C ASN B 83 29.71 21.57 -15.89
N ASN B 84 31.00 21.88 -16.08
CA ASN B 84 31.46 22.72 -17.20
C ASN B 84 30.70 24.05 -17.19
N LEU B 85 30.72 24.71 -16.04
CA LEU B 85 30.04 26.01 -15.90
C LEU B 85 30.69 27.06 -16.81
N LYS B 86 29.88 27.98 -17.33
CA LYS B 86 30.36 29.09 -18.20
C LYS B 86 29.83 30.36 -17.56
N PRO B 87 30.39 31.54 -17.83
CA PRO B 87 29.95 32.76 -17.15
C PRO B 87 28.48 33.05 -17.43
N GLU B 88 27.99 32.58 -18.57
CA GLU B 88 26.59 32.80 -19.00
C GLU B 88 25.65 32.11 -18.03
N ASP B 89 26.14 31.10 -17.32
CA ASP B 89 25.28 30.30 -16.42
C ASP B 89 25.13 31.02 -15.08
N THR B 90 25.76 32.20 -14.95
CA THR B 90 25.71 32.99 -13.70
C THR B 90 24.30 33.50 -13.50
N ALA B 91 23.71 33.20 -12.35
CA ALA B 91 22.33 33.63 -12.09
C ALA B 91 21.89 33.20 -10.69
N MET B 92 20.67 33.56 -10.30
CA MET B 92 20.12 33.10 -9.01
C MET B 92 19.49 31.74 -9.27
N TYR B 93 19.80 30.76 -8.44
CA TYR B 93 19.26 29.40 -8.63
C TYR B 93 18.17 29.20 -7.60
N ILE B 94 16.94 28.97 -8.04
CA ILE B 94 15.77 28.86 -7.15
C ILE B 94 15.20 27.45 -7.31
N CYS B 95 14.50 26.95 -6.30
CA CYS B 95 13.91 25.59 -6.33
C CYS B 95 12.44 25.71 -5.97
N ASN B 96 11.60 24.79 -6.44
CA ASN B 96 10.17 24.80 -6.11
C ASN B 96 9.66 23.39 -5.88
N THR B 97 8.60 23.23 -5.09
CA THR B 97 7.90 21.93 -4.99
C THR B 97 6.43 22.30 -5.15
N GLY B 98 5.77 21.85 -6.20
CA GLY B 98 4.35 22.16 -6.26
C GLY B 98 3.81 22.34 -7.64
N TRP B 99 2.53 22.71 -7.72
CA TRP B 99 1.87 22.89 -9.02
C TRP B 99 2.02 21.58 -9.79
N SER B 100 1.81 20.48 -9.06
CA SER B 100 1.95 19.13 -9.64
C SER B 100 1.03 18.18 -8.92
N GLN B 101 0.74 17.04 -9.52
CA GLN B 101 -0.05 16.01 -8.83
C GLN B 101 0.82 15.55 -7.66
N GLY B 102 0.23 15.40 -6.49
CA GLY B 102 0.98 14.90 -5.35
C GLY B 102 0.51 15.56 -4.10
N SER B 103 1.21 15.35 -3.00
CA SER B 103 0.85 16.02 -1.74
C SER B 103 2.08 16.18 -0.87
N LEU B 104 2.07 17.19 0.01
CA LEU B 104 3.16 17.39 0.98
C LEU B 104 2.54 16.99 2.31
N VAL B 105 3.16 16.10 3.06
CA VAL B 105 2.49 15.63 4.29
C VAL B 105 3.48 15.59 5.45
N ASN B 106 3.07 15.98 6.65
CA ASN B 106 3.91 15.82 7.85
C ASN B 106 3.27 14.67 8.61
N ARG B 107 3.92 13.54 8.69
CA ARG B 107 3.30 12.36 9.33
C ARG B 107 3.09 12.75 10.78
N THR B 108 4.08 13.42 11.36
CA THR B 108 3.92 13.99 12.70
C THR B 108 3.02 15.19 12.47
N THR B 109 2.23 15.63 13.45
CA THR B 109 1.26 16.74 13.25
C THR B 109 0.04 16.26 12.47
N GLY B 110 0.24 15.72 11.26
CA GLY B 110 -0.91 15.34 10.43
C GLY B 110 -1.22 16.37 9.37
N TRP B 111 -0.33 17.34 9.20
CA TRP B 111 -0.53 18.39 8.19
C TRP B 111 -0.54 17.77 6.81
N THR B 112 -1.51 18.14 5.96
CA THR B 112 -1.54 17.64 4.58
C THR B 112 -1.85 18.78 3.61
N ARG B 113 -1.09 18.90 2.53
CA ARG B 113 -1.39 19.93 1.51
C ARG B 113 -1.34 19.32 0.11
N ASP B 114 -2.32 19.62 -0.74
CA ASP B 114 -2.39 19.07 -2.12
C ASP B 114 -1.62 19.98 -3.04
N CYS B 115 -0.69 19.42 -3.79
CA CYS B 115 0.21 20.22 -4.63
C CYS B 115 -0.43 20.71 -5.92
N TRP B 116 -1.64 20.31 -6.27
CA TRP B 116 -2.22 20.88 -7.51
C TRP B 116 -2.40 22.38 -7.30
N SER B 117 -2.78 22.77 -6.10
CA SER B 117 -3.04 24.19 -5.79
C SER B 117 -2.03 24.74 -4.78
N PHE B 118 -1.02 23.96 -4.41
CA PHE B 118 -0.03 24.40 -3.40
C PHE B 118 1.37 24.29 -3.96
N GLY B 119 2.21 25.24 -3.58
CA GLY B 119 3.62 25.20 -3.99
C GLY B 119 4.48 25.96 -3.02
N ILE B 120 5.77 25.66 -3.00
CA ILE B 120 6.72 26.44 -2.18
C ILE B 120 7.82 26.88 -3.12
N TRP B 121 8.16 28.17 -3.11
CA TRP B 121 9.26 28.72 -3.93
C TRP B 121 10.47 28.94 -3.03
N GLY B 122 11.55 29.45 -3.58
CA GLY B 122 12.78 29.63 -2.81
C GLY B 122 13.37 31.01 -2.98
N GLN B 123 14.09 31.49 -1.97
CA GLN B 123 14.76 32.81 -2.02
C GLN B 123 15.86 32.76 -3.07
N GLY B 124 16.63 31.67 -3.09
CA GLY B 124 17.64 31.48 -4.14
C GLY B 124 19.06 31.45 -3.65
N THR B 125 19.98 30.97 -4.49
CA THR B 125 21.43 31.02 -4.19
C THR B 125 22.10 31.59 -5.44
N GLN B 126 23.18 32.36 -5.28
CA GLN B 126 23.81 32.99 -6.45
C GLN B 126 25.01 32.19 -6.91
N VAL B 127 25.04 31.86 -8.20
CA VAL B 127 26.20 31.14 -8.77
C VAL B 127 26.80 32.08 -9.79
N THR B 128 27.93 32.69 -9.49
CA THR B 128 28.63 33.54 -10.45
C THR B 128 29.83 32.78 -10.98
N VAL B 129 30.03 32.83 -12.30
CA VAL B 129 31.16 32.20 -12.97
C VAL B 129 31.95 33.28 -13.70
N SER B 130 33.28 33.26 -13.53
CA SER B 130 34.14 34.34 -13.98
C SER B 130 35.44 33.75 -14.54
N SER B 131 36.33 34.63 -15.01
CA SER B 131 37.53 34.23 -15.77
C SER B 131 38.83 34.46 -15.04
N VAL C 15 -19.76 17.74 -1.82
CA VAL C 15 -20.60 16.54 -1.55
C VAL C 15 -20.29 16.07 -0.13
N GLU C 16 -21.26 16.18 0.79
CA GLU C 16 -21.01 15.82 2.22
C GLU C 16 -20.92 14.32 2.35
N CYS C 17 -20.11 13.85 3.30
CA CYS C 17 -19.92 12.39 3.50
C CYS C 17 -21.19 11.80 4.11
N ASP C 18 -21.58 10.59 3.69
CA ASP C 18 -22.87 10.01 4.17
C ASP C 18 -22.62 9.10 5.38
N PHE C 19 -22.95 9.58 6.57
CA PHE C 19 -22.81 8.77 7.80
C PHE C 19 -24.20 8.26 8.16
N SER C 20 -25.11 8.32 7.20
CA SER C 20 -26.50 7.88 7.43
C SER C 20 -26.58 6.39 7.77
N PRO C 21 -25.83 5.48 7.13
CA PRO C 21 -26.00 4.08 7.42
C PRO C 21 -25.80 3.77 8.90
N LEU C 22 -24.93 4.51 9.56
CA LEU C 22 -24.63 4.29 11.00
C LEU C 22 -25.86 4.58 11.85
N LEU C 23 -26.57 5.64 11.53
CA LEU C 23 -27.65 6.10 12.43
C LEU C 23 -28.93 5.29 12.24
N SER C 24 -28.95 4.35 11.32
CA SER C 24 -30.17 3.56 11.06
C SER C 24 -29.90 2.07 11.17
N GLY C 25 -30.41 1.44 12.22
CA GLY C 25 -30.29 0.00 12.35
C GLY C 25 -29.58 -0.44 13.60
N THR C 26 -29.71 -1.71 13.94
CA THR C 26 -28.98 -2.25 15.11
C THR C 26 -27.53 -2.36 14.69
N PRO C 27 -26.60 -1.72 15.41
CA PRO C 27 -25.24 -1.76 15.01
C PRO C 27 -24.79 -3.20 15.19
N PRO C 28 -23.85 -3.67 14.36
CA PRO C 28 -23.37 -5.02 14.49
C PRO C 28 -22.39 -5.21 15.63
N GLN C 29 -22.14 -6.45 16.01
CA GLN C 29 -21.20 -6.75 17.10
C GLN C 29 -19.78 -6.56 16.61
N VAL C 30 -18.80 -6.61 17.50
CA VAL C 30 -17.39 -6.27 17.11
C VAL C 30 -16.91 -7.20 16.00
N TYR C 31 -17.20 -8.48 16.10
CA TYR C 31 -16.71 -9.47 15.10
C TYR C 31 -17.31 -9.20 13.74
N ASN C 32 -18.55 -8.76 13.69
CA ASN C 32 -19.27 -8.54 12.42
C ASN C 32 -19.41 -7.03 12.23
N PHE C 33 -18.33 -6.28 12.45
CA PHE C 33 -18.32 -4.80 12.37
C PHE C 33 -18.66 -4.28 10.99
N LYS C 34 -19.25 -3.08 10.92
CA LYS C 34 -19.67 -2.50 9.63
C LYS C 34 -18.77 -1.31 9.30
N ARG C 35 -18.29 -1.26 8.07
CA ARG C 35 -17.29 -0.24 7.66
C ARG C 35 -17.82 0.64 6.55
N LEU C 36 -17.66 1.95 6.70
CA LEU C 36 -18.06 2.90 5.63
C LEU C 36 -16.76 3.53 5.14
N VAL C 37 -16.50 3.47 3.84
CA VAL C 37 -15.23 3.99 3.27
C VAL C 37 -15.57 5.25 2.50
N PHE C 38 -14.99 6.37 2.90
CA PHE C 38 -15.38 7.66 2.30
C PHE C 38 -14.23 8.21 1.47
N THR C 39 -14.54 8.61 0.25
CA THR C 39 -13.55 9.24 -0.66
C THR C 39 -14.33 10.29 -1.42
N ASN C 40 -13.68 11.37 -1.85
CA ASN C 40 -14.32 12.41 -2.67
C ASN C 40 -15.55 12.95 -1.95
N CYS C 41 -15.42 13.20 -0.65
CA CYS C 41 -16.53 13.79 0.14
C CYS C 41 -15.97 14.76 1.18
N ASN C 42 -16.80 15.66 1.70
CA ASN C 42 -16.38 16.61 2.77
C ASN C 42 -17.13 16.21 4.04
N TYR C 43 -16.50 16.29 5.21
CA TYR C 43 -17.12 15.74 6.43
C TYR C 43 -17.19 16.70 7.61
N ASN C 44 -18.14 16.46 8.51
CA ASN C 44 -18.24 17.26 9.77
C ASN C 44 -18.29 16.27 10.93
N LEU C 45 -17.13 15.81 11.41
CA LEU C 45 -17.11 14.76 12.47
C LEU C 45 -17.68 15.32 13.77
N THR C 46 -17.65 16.64 13.92
CA THR C 46 -18.23 17.24 15.13
C THR C 46 -19.72 16.93 15.16
N LYS C 47 -20.38 16.98 14.01
CA LYS C 47 -21.83 16.72 13.92
C LYS C 47 -22.14 15.27 14.24
N LEU C 48 -21.37 14.34 13.69
CA LEU C 48 -21.72 12.93 13.90
C LEU C 48 -21.61 12.67 15.40
N LEU C 49 -20.56 13.18 16.02
CA LEU C 49 -20.32 12.95 17.46
C LEU C 49 -21.28 13.78 18.29
N SER C 50 -21.88 14.82 17.71
CA SER C 50 -22.89 15.63 18.40
C SER C 50 -24.09 14.75 18.66
N LEU C 51 -24.39 13.87 17.72
CA LEU C 51 -25.59 13.00 17.81
C LEU C 51 -25.36 11.95 18.90
N PHE C 52 -24.14 11.78 19.38
CA PHE C 52 -23.84 10.71 20.36
C PHE C 52 -23.23 11.30 21.62
N SER C 53 -23.23 10.56 22.72
CA SER C 53 -22.53 11.00 23.94
C SER C 53 -21.16 10.35 23.92
N VAL C 54 -20.11 11.14 23.76
CA VAL C 54 -18.75 10.55 23.62
C VAL C 54 -18.16 10.34 25.01
N ASN C 55 -17.60 9.16 25.23
CA ASN C 55 -16.98 8.81 26.53
C ASN C 55 -15.45 8.85 26.38
N ASP C 56 -14.89 8.30 25.30
CA ASP C 56 -13.42 8.42 25.04
C ASP C 56 -13.17 8.61 23.54
N PHE C 57 -12.15 9.38 23.16
CA PHE C 57 -11.77 9.63 21.74
C PHE C 57 -10.25 9.68 21.68
N THR C 58 -9.59 8.53 21.61
CA THR C 58 -8.11 8.49 21.65
C THR C 58 -7.55 8.12 20.30
N CYS C 59 -6.58 8.89 19.81
CA CYS C 59 -5.99 8.67 18.48
C CYS C 59 -4.53 8.22 18.60
N SER C 60 -3.99 7.55 17.59
CA SER C 60 -2.63 6.97 17.66
C SER C 60 -1.61 7.79 16.86
N GLN C 61 -1.68 7.77 15.53
CA GLN C 61 -0.65 8.45 14.71
C GLN C 61 -1.24 9.72 14.14
N ILE C 62 -2.34 10.18 14.73
CA ILE C 62 -3.01 11.44 14.29
C ILE C 62 -3.57 12.13 15.52
N SER C 63 -3.98 13.38 15.39
CA SER C 63 -4.59 14.14 16.49
C SER C 63 -6.02 14.42 16.06
N PRO C 64 -7.01 14.41 16.95
CA PRO C 64 -8.40 14.58 16.54
C PRO C 64 -8.51 15.91 15.80
N ALA C 65 -7.75 16.89 16.23
CA ALA C 65 -7.74 18.22 15.60
C ALA C 65 -7.28 18.15 14.14
N ALA C 66 -6.24 17.39 13.84
CA ALA C 66 -5.66 17.38 12.48
C ALA C 66 -6.62 16.78 11.48
N ILE C 67 -7.44 15.84 11.91
CA ILE C 67 -8.47 15.25 11.01
C ILE C 67 -9.45 16.37 10.65
N ALA C 68 -9.75 17.25 11.58
CA ALA C 68 -10.75 18.31 11.35
C ALA C 68 -10.11 19.54 10.75
N SER C 69 -8.78 19.57 10.67
CA SER C 69 -8.06 20.75 10.16
C SER C 69 -7.31 20.40 8.87
N ASN C 70 -7.30 19.13 8.48
CA ASN C 70 -6.48 18.75 7.30
C ASN C 70 -7.27 17.87 6.32
N CYS C 71 -6.81 17.77 5.08
CA CYS C 71 -7.52 17.08 3.98
C CYS C 71 -6.74 15.79 3.67
N TYR C 72 -7.39 14.63 3.61
CA TYR C 72 -6.72 13.30 3.43
C TYR C 72 -7.36 12.51 2.29
N SER C 73 -6.73 11.45 1.80
CA SER C 73 -7.27 10.61 0.70
C SER C 73 -8.53 9.83 1.05
N SER C 74 -8.55 9.17 2.20
CA SER C 74 -9.70 8.31 2.57
C SER C 74 -9.99 8.36 4.06
N LEU C 75 -11.25 8.22 4.44
CA LEU C 75 -11.65 8.11 5.86
C LEU C 75 -12.41 6.80 5.95
N ILE C 76 -12.03 5.95 6.89
CA ILE C 76 -12.72 4.65 7.09
C ILE C 76 -13.33 4.65 8.49
N LEU C 77 -14.66 4.57 8.57
CA LEU C 77 -15.33 4.49 9.89
C LEU C 77 -15.92 3.10 10.06
N ASP C 78 -15.42 2.36 11.05
CA ASP C 78 -15.95 1.02 11.35
C ASP C 78 -16.77 1.20 12.62
N TYR C 79 -18.03 0.79 12.62
CA TYR C 79 -18.90 1.03 13.77
C TYR C 79 -19.45 -0.29 14.26
N PHE C 80 -19.58 -0.42 15.57
CA PHE C 80 -20.04 -1.68 16.14
C PHE C 80 -20.62 -1.43 17.54
N SER C 81 -21.39 -2.35 18.06
CA SER C 81 -21.90 -2.24 19.44
C SER C 81 -20.82 -2.79 20.38
N TYR C 82 -20.35 -1.99 21.33
CA TYR C 82 -19.24 -2.40 22.20
C TYR C 82 -19.50 -1.89 23.62
N PRO C 83 -19.31 -2.73 24.65
CA PRO C 83 -19.51 -2.27 26.00
C PRO C 83 -18.38 -1.32 26.41
N LEU C 84 -18.68 -0.25 27.13
CA LEU C 84 -17.62 0.65 27.66
C LEU C 84 -16.98 -0.09 28.82
N SER C 85 -17.59 -1.19 29.23
CA SER C 85 -17.01 -2.02 30.31
C SER C 85 -15.63 -2.45 29.82
N MET C 86 -15.48 -2.62 28.51
CA MET C 86 -14.22 -3.15 27.94
C MET C 86 -13.49 -2.08 27.13
N LYS C 87 -13.52 -0.81 27.56
CA LYS C 87 -12.93 0.27 26.74
C LYS C 87 -11.45 0.03 26.56
N SER C 88 -10.79 -0.45 27.60
CA SER C 88 -9.33 -0.65 27.57
C SER C 88 -8.98 -1.70 26.52
N ASP C 89 -9.78 -2.76 26.43
CA ASP C 89 -9.47 -3.90 25.56
C ASP C 89 -9.48 -3.55 24.06
N LEU C 90 -10.17 -2.51 23.63
CA LEU C 90 -10.31 -2.23 22.16
C LEU C 90 -8.98 -2.00 21.45
N SER C 91 -8.04 -1.26 22.06
CA SER C 91 -6.76 -0.97 21.39
C SER C 91 -5.79 -2.12 21.54
N VAL C 92 -4.69 -2.08 20.81
CA VAL C 92 -3.72 -3.21 20.84
C VAL C 92 -2.77 -2.94 21.98
N SER C 93 -2.92 -1.79 22.61
CA SER C 93 -2.13 -1.47 23.82
C SER C 93 -2.52 -2.50 24.86
N SER C 94 -3.80 -2.88 24.89
CA SER C 94 -4.29 -3.90 25.85
C SER C 94 -4.45 -5.21 25.11
N ALA C 95 -3.91 -6.28 25.67
CA ALA C 95 -3.91 -7.59 24.98
C ALA C 95 -5.03 -8.44 25.51
N GLY C 96 -5.80 -9.02 24.61
CA GLY C 96 -6.98 -9.78 25.03
C GLY C 96 -7.75 -10.26 23.84
N PRO C 97 -8.96 -10.81 24.02
CA PRO C 97 -9.67 -11.41 22.91
C PRO C 97 -10.08 -10.48 21.77
N ILE C 98 -10.54 -9.28 22.08
CA ILE C 98 -11.06 -8.37 21.02
C ILE C 98 -9.93 -8.08 20.04
N SER C 99 -8.77 -7.72 20.57
CA SER C 99 -7.63 -7.34 19.70
C SER C 99 -7.13 -8.55 18.92
N GLN C 100 -7.01 -9.69 19.59
CA GLN C 100 -6.49 -10.93 18.96
C GLN C 100 -7.46 -11.55 17.97
N PHE C 101 -8.75 -11.63 18.28
CA PHE C 101 -9.68 -12.38 17.40
C PHE C 101 -10.90 -11.60 16.92
N ASN C 102 -11.13 -10.36 17.36
CA ASN C 102 -12.38 -9.65 16.95
C ASN C 102 -12.09 -8.49 16.00
N TYR C 103 -11.52 -7.39 16.49
CA TYR C 103 -11.29 -6.19 15.62
C TYR C 103 -9.88 -5.63 15.79
N LYS C 104 -9.19 -5.39 14.67
CA LYS C 104 -7.86 -4.74 14.73
C LYS C 104 -7.80 -3.63 13.69
N GLN C 105 -7.41 -2.44 14.12
CA GLN C 105 -7.23 -1.31 13.20
C GLN C 105 -5.84 -1.44 12.60
N SER C 106 -5.56 -0.78 11.49
CA SER C 106 -4.18 -0.81 10.96
C SER C 106 -3.43 0.25 11.76
N PHE C 107 -3.20 -0.06 13.03
CA PHE C 107 -2.51 0.90 13.92
C PHE C 107 -1.13 1.13 13.34
N SER C 108 -0.51 2.27 13.63
CA SER C 108 0.77 2.69 13.01
C SER C 108 0.36 3.64 11.88
N ASN C 109 -0.84 3.44 11.34
CA ASN C 109 -1.36 4.40 10.34
C ASN C 109 -2.23 5.35 11.14
N PRO C 110 -2.57 6.56 10.66
CA PRO C 110 -3.33 7.44 11.50
C PRO C 110 -4.66 6.74 11.78
N THR C 111 -4.96 6.51 13.06
CA THR C 111 -6.17 5.76 13.45
C THR C 111 -6.72 6.33 14.76
N CYS C 112 -8.05 6.37 14.90
CA CYS C 112 -8.70 6.87 16.13
C CYS C 112 -9.75 5.87 16.60
N LEU C 113 -9.89 5.66 17.91
CA LEU C 113 -10.95 4.79 18.45
C LEU C 113 -11.80 5.63 19.41
N ILE C 114 -13.12 5.64 19.20
CA ILE C 114 -14.04 6.47 20.01
C ILE C 114 -15.02 5.52 20.68
N LEU C 115 -15.42 5.82 21.91
CA LEU C 115 -16.45 5.01 22.59
C LEU C 115 -17.61 5.95 22.89
N ALA C 116 -18.85 5.52 22.63
CA ALA C 116 -20.01 6.42 22.77
C ALA C 116 -21.23 5.71 23.33
N THR C 117 -22.17 6.45 23.92
CA THR C 117 -23.44 5.89 24.44
C THR C 117 -24.56 6.51 23.62
N VAL C 118 -25.45 5.70 23.05
CA VAL C 118 -26.50 6.23 22.14
C VAL C 118 -27.56 6.97 22.95
N PRO C 119 -27.89 8.22 22.58
CA PRO C 119 -28.85 9.00 23.34
C PRO C 119 -30.28 8.46 23.21
N HIS C 120 -31.15 8.81 24.14
CA HIS C 120 -32.57 8.37 24.08
C HIS C 120 -33.21 8.95 22.83
N ASN C 121 -32.73 10.11 22.42
CA ASN C 121 -33.24 10.78 21.19
C ASN C 121 -32.97 9.92 19.95
N LEU C 122 -31.83 9.21 19.89
CA LEU C 122 -31.49 8.46 18.65
C LEU C 122 -32.27 7.15 18.62
N THR C 123 -33.53 7.21 18.20
CA THR C 123 -34.40 6.04 18.07
C THR C 123 -33.97 5.18 16.89
N THR C 124 -33.40 5.78 15.85
CA THR C 124 -33.01 5.05 14.61
C THR C 124 -31.96 4.00 14.91
N ILE C 125 -31.09 4.22 15.90
CA ILE C 125 -30.05 3.23 16.32
C ILE C 125 -30.66 2.33 17.37
N THR C 126 -31.04 1.12 16.98
CA THR C 126 -31.73 0.18 17.89
C THR C 126 -30.72 -0.59 18.72
N LYS C 127 -31.19 -1.31 19.73
CA LYS C 127 -30.25 -1.96 20.69
C LYS C 127 -30.23 -3.47 20.53
N PRO C 128 -29.03 -4.10 20.55
CA PRO C 128 -28.92 -5.53 20.49
C PRO C 128 -29.44 -6.15 21.78
N LEU C 129 -29.66 -7.46 21.77
CA LEU C 129 -30.23 -8.13 22.95
C LEU C 129 -29.16 -8.24 24.01
N LYS C 130 -27.91 -8.40 23.59
CA LYS C 130 -26.78 -8.50 24.53
C LYS C 130 -25.52 -8.17 23.76
N TYR C 131 -24.44 -7.81 24.44
CA TYR C 131 -23.16 -7.61 23.74
C TYR C 131 -22.46 -8.96 23.67
N SER C 132 -21.82 -9.26 22.55
CA SER C 132 -21.18 -10.59 22.36
C SER C 132 -19.82 -10.41 21.71
N TYR C 133 -18.89 -11.35 21.95
CA TYR C 133 -17.54 -11.30 21.35
C TYR C 133 -16.95 -12.71 21.23
N ILE C 134 -15.93 -12.87 20.39
CA ILE C 134 -15.27 -14.19 20.18
C ILE C 134 -14.13 -14.32 21.20
N ASN C 135 -14.22 -15.28 22.13
CA ASN C 135 -13.15 -15.53 23.11
C ASN C 135 -11.93 -16.07 22.38
N LYS C 136 -12.15 -17.03 21.48
CA LYS C 136 -11.02 -17.60 20.71
C LYS C 136 -11.47 -18.11 19.36
N CYS C 137 -10.69 -17.89 18.31
CA CYS C 137 -10.95 -18.52 17.01
C CYS C 137 -9.66 -19.28 16.73
N SER C 138 -9.77 -20.59 16.51
CA SER C 138 -8.57 -21.42 16.31
C SER C 138 -8.87 -22.46 15.25
N ARG C 139 -7.83 -23.04 14.66
CA ARG C 139 -8.01 -24.11 13.66
C ARG C 139 -7.31 -25.34 14.22
N LEU C 140 -8.04 -26.43 14.42
CA LEU C 140 -7.43 -27.70 14.86
C LEU C 140 -7.05 -28.45 13.59
N LEU C 141 -5.83 -28.98 13.49
CA LEU C 141 -5.40 -29.60 12.21
C LEU C 141 -5.84 -31.06 12.16
N SER C 142 -5.77 -31.66 10.97
CA SER C 142 -6.18 -33.08 10.80
C SER C 142 -5.23 -33.96 11.61
N ASP C 143 -3.96 -33.58 11.66
CA ASP C 143 -2.90 -34.36 12.33
C ASP C 143 -3.22 -34.45 13.81
N ASP C 144 -4.15 -33.62 14.26
CA ASP C 144 -4.40 -33.55 15.72
C ASP C 144 -3.17 -32.88 16.31
N ARG C 145 -2.44 -32.10 15.50
CA ARG C 145 -1.32 -31.27 16.03
C ARG C 145 -2.04 -30.16 16.78
N THR C 146 -3.34 -30.07 16.54
CA THR C 146 -4.20 -29.18 17.34
C THR C 146 -4.03 -27.69 17.07
N GLU C 147 -4.06 -26.87 18.10
CA GLU C 147 -4.24 -25.42 17.91
C GLU C 147 -3.28 -24.67 17.00
N VAL C 148 -3.84 -23.92 16.06
CA VAL C 148 -3.06 -22.95 15.25
C VAL C 148 -3.96 -21.73 15.33
N PRO C 149 -4.01 -21.00 16.46
CA PRO C 149 -4.97 -19.93 16.64
C PRO C 149 -5.03 -18.91 15.52
N GLN C 150 -6.23 -18.58 15.08
CA GLN C 150 -6.41 -17.69 13.90
C GLN C 150 -6.51 -16.23 14.36
N LEU C 151 -5.37 -15.60 14.55
CA LEU C 151 -5.36 -14.19 15.01
C LEU C 151 -5.93 -13.32 13.89
N VAL C 152 -6.66 -12.27 14.26
CA VAL C 152 -7.39 -11.42 13.26
C VAL C 152 -6.38 -10.63 12.44
N ASN C 153 -6.75 -10.36 11.21
CA ASN C 153 -5.89 -9.50 10.38
C ASN C 153 -6.54 -8.13 10.38
N ALA C 154 -5.74 -7.08 10.36
CA ALA C 154 -6.26 -5.72 10.43
C ALA C 154 -7.12 -5.46 9.21
N ASN C 155 -8.21 -4.74 9.40
CA ASN C 155 -9.02 -4.32 8.24
C ASN C 155 -9.69 -5.55 7.64
N GLN C 156 -9.78 -6.63 8.41
CA GLN C 156 -10.41 -7.89 7.94
C GLN C 156 -11.19 -8.54 9.08
N TYR C 157 -12.05 -9.50 8.76
CA TYR C 157 -12.92 -10.14 9.78
C TYR C 157 -12.37 -11.51 10.18
N SER C 158 -12.67 -11.94 11.40
CA SER C 158 -12.19 -13.25 11.91
C SER C 158 -12.75 -14.38 11.08
N PRO C 159 -12.00 -15.46 10.82
CA PRO C 159 -12.49 -16.52 9.99
C PRO C 159 -13.66 -17.26 10.64
N CYS C 160 -13.91 -17.00 11.92
CA CYS C 160 -14.94 -17.74 12.68
C CYS C 160 -16.30 -17.05 12.67
N VAL C 161 -16.42 -15.92 11.97
CA VAL C 161 -17.69 -15.14 11.91
C VAL C 161 -18.74 -16.00 11.23
N SER C 162 -18.31 -16.96 10.43
CA SER C 162 -19.24 -17.92 9.80
C SER C 162 -19.86 -18.81 10.86
N ILE C 163 -19.05 -19.32 11.78
CA ILE C 163 -19.54 -20.31 12.79
C ILE C 163 -20.02 -19.62 14.08
N VAL C 164 -19.74 -18.34 14.25
CA VAL C 164 -20.12 -17.60 15.48
C VAL C 164 -21.38 -16.80 15.20
N PRO C 165 -22.43 -16.94 16.03
CA PRO C 165 -23.69 -16.27 15.77
C PRO C 165 -23.60 -14.76 15.91
N SER C 166 -24.49 -14.02 15.23
CA SER C 166 -24.45 -12.55 15.27
C SER C 166 -24.60 -12.14 16.73
N THR C 167 -25.46 -12.81 17.49
CA THR C 167 -25.54 -12.57 18.94
C THR C 167 -25.34 -13.93 19.60
N VAL C 168 -24.38 -14.05 20.51
CA VAL C 168 -24.05 -15.35 21.13
C VAL C 168 -25.11 -15.65 22.17
N TRP C 169 -25.68 -16.85 22.13
CA TRP C 169 -26.78 -17.20 23.05
C TRP C 169 -26.32 -17.20 24.50
N GLU C 170 -25.18 -17.83 24.78
CA GLU C 170 -24.71 -17.96 26.16
C GLU C 170 -23.19 -17.81 26.23
N ASP C 171 -22.68 -17.35 27.36
CA ASP C 171 -21.21 -17.22 27.53
C ASP C 171 -20.68 -18.65 27.49
N GLY C 172 -19.54 -18.86 26.86
CA GLY C 172 -18.93 -20.20 26.88
C GLY C 172 -19.50 -21.07 25.80
N ASP C 173 -20.34 -20.49 24.95
CA ASP C 173 -20.86 -21.25 23.81
C ASP C 173 -19.68 -21.57 22.90
N TYR C 174 -19.65 -22.78 22.35
CA TYR C 174 -18.52 -23.23 21.50
C TYR C 174 -19.08 -23.60 20.13
N TYR C 175 -18.32 -23.33 19.08
CA TYR C 175 -18.83 -23.52 17.70
C TYR C 175 -17.80 -24.28 16.87
N ARG C 176 -18.24 -24.97 15.82
CA ARG C 176 -17.32 -25.80 15.02
C ARG C 176 -17.71 -25.87 13.56
N LYS C 177 -16.72 -25.99 12.68
CA LYS C 177 -16.96 -26.17 11.22
C LYS C 177 -15.92 -27.21 10.81
N GLN C 178 -16.24 -28.05 9.83
CA GLN C 178 -15.23 -29.00 9.35
C GLN C 178 -14.67 -28.48 8.05
N LEU C 179 -13.35 -28.35 7.98
CA LEU C 179 -12.72 -27.79 6.78
C LEU C 179 -12.66 -28.86 5.70
N SER C 180 -12.64 -28.43 4.45
CA SER C 180 -12.67 -29.38 3.33
C SER C 180 -11.34 -30.07 3.25
N PRO C 181 -11.26 -31.23 2.57
CA PRO C 181 -9.99 -31.89 2.40
C PRO C 181 -9.03 -30.96 1.65
N LEU C 182 -9.51 -30.21 0.68
CA LEU C 182 -8.64 -29.33 -0.13
C LEU C 182 -8.00 -28.29 0.77
N GLU C 183 -8.77 -27.74 1.71
CA GLU C 183 -8.28 -26.67 2.61
C GLU C 183 -7.18 -27.22 3.51
N GLY C 184 -7.14 -28.53 3.70
CA GLY C 184 -6.15 -29.12 4.62
C GLY C 184 -6.79 -29.96 5.68
N GLY C 185 -8.10 -30.14 5.62
CA GLY C 185 -8.74 -31.03 6.58
C GLY C 185 -8.85 -30.33 7.90
N GLY C 186 -9.33 -31.02 8.91
CA GLY C 186 -9.33 -30.39 10.24
C GLY C 186 -10.60 -29.67 10.57
N TRP C 187 -10.58 -28.88 11.64
CA TRP C 187 -11.80 -28.20 12.13
C TRP C 187 -11.50 -26.74 12.44
N LEU C 188 -12.49 -25.85 12.35
CA LEU C 188 -12.32 -24.45 12.79
C LEU C 188 -13.16 -24.37 14.05
N VAL C 189 -12.55 -24.02 15.18
CA VAL C 189 -13.30 -24.03 16.45
C VAL C 189 -13.28 -22.62 17.03
N ALA C 190 -14.37 -22.23 17.67
CA ALA C 190 -14.47 -20.88 18.24
C ALA C 190 -15.24 -20.94 19.54
N SER C 191 -15.13 -19.89 20.33
CA SER C 191 -15.86 -19.80 21.61
C SER C 191 -16.48 -18.42 21.69
N GLY C 192 -17.57 -18.30 22.43
CA GLY C 192 -18.26 -17.02 22.52
C GLY C 192 -18.31 -16.50 23.94
N SER C 193 -18.32 -15.19 24.08
CA SER C 193 -18.47 -14.60 25.42
C SER C 193 -19.52 -13.49 25.33
N THR C 194 -20.32 -13.30 26.38
CA THR C 194 -21.42 -12.32 26.33
C THR C 194 -21.33 -11.32 27.48
N VAL C 195 -21.65 -10.06 27.22
CA VAL C 195 -21.68 -8.99 28.27
C VAL C 195 -23.10 -8.41 28.17
N ALA C 196 -23.73 -8.08 29.29
CA ALA C 196 -25.14 -7.65 29.26
C ALA C 196 -25.32 -6.28 28.63
N MET C 197 -26.52 -6.00 28.13
CA MET C 197 -26.76 -4.72 27.44
C MET C 197 -27.09 -3.62 28.43
N THR C 198 -26.63 -2.41 28.15
CA THR C 198 -26.85 -1.25 29.03
C THR C 198 -28.23 -0.65 28.75
N GLU C 199 -28.67 0.30 29.56
CA GLU C 199 -29.96 0.97 29.30
C GLU C 199 -29.90 1.70 27.97
N GLN C 200 -28.76 2.31 27.69
CA GLN C 200 -28.55 3.01 26.40
C GLN C 200 -27.41 2.30 25.70
N LEU C 201 -27.55 2.03 24.41
CA LEU C 201 -26.53 1.23 23.72
C LEU C 201 -25.20 1.94 23.79
N GLN C 202 -24.15 1.19 24.06
CA GLN C 202 -22.80 1.75 24.04
C GLN C 202 -22.21 1.22 22.75
N MET C 203 -21.76 2.11 21.88
CA MET C 203 -21.20 1.71 20.57
C MET C 203 -19.73 2.09 20.51
N GLY C 204 -18.98 1.51 19.59
CA GLY C 204 -17.56 1.85 19.42
C GLY C 204 -17.25 2.17 17.98
N PHE C 205 -16.50 3.24 17.75
CA PHE C 205 -16.24 3.70 16.36
C PHE C 205 -14.75 3.67 16.09
N GLY C 206 -14.36 3.13 14.94
CA GLY C 206 -12.95 3.09 14.55
C GLY C 206 -12.72 3.93 13.32
N ILE C 207 -11.75 4.84 13.36
CA ILE C 207 -11.46 5.74 12.23
C ILE C 207 -10.03 5.51 11.79
N THR C 208 -9.80 5.28 10.51
CA THR C 208 -8.44 5.13 9.95
C THR C 208 -8.36 6.13 8.80
N VAL C 209 -7.43 7.08 8.86
CA VAL C 209 -7.29 8.11 7.80
C VAL C 209 -6.00 7.81 7.03
N GLN C 210 -6.02 7.98 5.72
CA GLN C 210 -4.85 7.58 4.92
C GLN C 210 -4.32 8.79 4.19
N TYR C 211 -3.02 9.06 4.35
CA TYR C 211 -2.40 10.27 3.79
C TYR C 211 -2.53 10.18 2.28
N GLY C 212 -2.26 9.00 1.75
CA GLY C 212 -2.50 8.83 0.32
C GLY C 212 -1.51 9.62 -0.48
N THR C 213 -1.71 9.66 -1.78
CA THR C 213 -0.76 10.38 -2.66
C THR C 213 -1.48 11.64 -3.11
N ASP C 214 -1.94 11.62 -4.35
CA ASP C 214 -2.65 12.79 -4.92
C ASP C 214 -4.12 12.73 -4.53
N THR C 215 -4.89 13.69 -5.02
CA THR C 215 -6.36 13.68 -4.82
C THR C 215 -6.71 13.51 -3.33
N ASN C 216 -6.01 14.22 -2.44
CA ASN C 216 -6.48 14.27 -1.05
C ASN C 216 -7.95 14.67 -1.21
N SER C 217 -8.89 13.77 -0.89
CA SER C 217 -10.31 14.02 -1.24
C SER C 217 -11.23 14.16 -0.03
N VAL C 218 -11.14 13.28 0.98
CA VAL C 218 -11.95 13.48 2.20
C VAL C 218 -11.39 14.76 2.80
N CYS C 219 -12.25 15.65 3.29
CA CYS C 219 -11.67 16.93 3.65
C CYS C 219 -12.74 17.73 4.40
N PRO C 220 -12.44 18.48 5.46
CA PRO C 220 -13.53 18.95 6.34
C PRO C 220 -14.44 19.95 5.65
N LYS C 221 -15.56 20.28 6.30
CA LYS C 221 -16.61 21.06 5.65
C LYS C 221 -16.19 22.52 5.35
N GLN D 1 11.81 -26.88 -0.40
CA GLN D 1 12.80 -25.78 -0.21
C GLN D 1 12.43 -25.01 1.05
N VAL D 2 11.14 -24.82 1.30
CA VAL D 2 10.75 -23.97 2.46
C VAL D 2 10.86 -24.83 3.71
N GLN D 3 11.62 -24.35 4.69
CA GLN D 3 11.76 -25.11 5.95
C GLN D 3 12.00 -24.13 7.09
N LEU D 4 11.83 -24.60 8.32
CA LEU D 4 12.08 -23.78 9.52
C LEU D 4 13.16 -24.48 10.35
N GLN D 5 14.13 -23.72 10.87
CA GLN D 5 15.22 -24.32 11.69
C GLN D 5 15.25 -23.71 13.09
N GLU D 6 15.05 -24.56 14.10
CA GLU D 6 15.05 -24.10 15.50
C GLU D 6 16.48 -24.04 16.03
N SER D 7 16.73 -23.23 17.05
CA SER D 7 18.09 -23.09 17.63
C SER D 7 18.00 -22.57 19.05
N GLY D 8 19.13 -22.58 19.75
CA GLY D 8 19.18 -22.09 21.15
C GLY D 8 18.96 -23.19 22.15
N GLY D 9 18.89 -24.41 21.68
CA GLY D 9 18.57 -25.55 22.57
C GLY D 9 19.75 -25.98 23.39
N GLY D 10 19.50 -26.81 24.40
CA GLY D 10 20.61 -27.36 25.18
C GLY D 10 20.30 -27.57 26.64
N SER D 11 21.24 -27.23 27.49
CA SER D 11 21.06 -27.48 28.93
C SER D 11 20.98 -26.16 29.69
N VAL D 12 19.98 -26.03 30.55
CA VAL D 12 19.89 -24.81 31.41
C VAL D 12 19.65 -25.31 32.83
N GLN D 13 20.34 -24.73 33.81
CA GLN D 13 20.12 -25.09 35.22
C GLN D 13 18.80 -24.43 35.64
N THR D 14 18.13 -24.97 36.66
CA THR D 14 16.77 -24.46 37.01
C THR D 14 16.82 -22.98 37.39
N GLY D 15 15.76 -22.24 37.06
CA GLY D 15 15.66 -20.80 37.37
C GLY D 15 16.23 -19.98 36.25
N GLY D 16 16.76 -20.66 35.24
CA GLY D 16 17.41 -19.98 34.13
C GLY D 16 16.47 -19.48 33.08
N SER D 17 16.99 -18.68 32.18
CA SER D 17 16.20 -18.16 31.06
C SER D 17 16.90 -18.55 29.77
N LEU D 18 16.17 -19.05 28.77
CA LEU D 18 16.76 -19.35 27.45
C LEU D 18 15.88 -18.70 26.39
N ARG D 19 16.48 -18.17 25.31
CA ARG D 19 15.68 -17.64 24.17
C ARG D 19 16.01 -18.52 22.97
N LEU D 20 15.00 -19.12 22.36
CA LEU D 20 15.20 -20.04 21.23
C LEU D 20 14.91 -19.31 19.93
N SER D 21 15.30 -19.88 18.80
CA SER D 21 15.12 -19.24 17.48
C SER D 21 14.41 -20.19 16.52
N CYS D 22 13.60 -19.69 15.58
CA CYS D 22 13.01 -20.55 14.52
C CYS D 22 13.18 -19.81 13.19
N ALA D 23 14.36 -19.87 12.62
CA ALA D 23 14.63 -19.19 11.35
C ALA D 23 13.91 -19.90 10.22
N GLY D 24 13.48 -19.14 9.22
CA GLY D 24 12.75 -19.73 8.09
C GLY D 24 13.54 -19.57 6.81
N SER D 25 13.45 -20.56 5.93
CA SER D 25 14.26 -20.54 4.71
C SER D 25 13.39 -20.62 3.47
N GLY D 26 13.69 -19.83 2.45
CA GLY D 26 12.95 -19.92 1.18
C GLY D 26 11.79 -18.95 1.08
N TYR D 27 11.63 -18.06 2.06
CA TYR D 27 10.57 -17.04 1.98
C TYR D 27 11.12 -15.66 2.29
N THR D 28 10.94 -14.69 1.39
CA THR D 28 11.32 -13.29 1.70
C THR D 28 10.35 -12.71 2.72
N ASP D 29 9.06 -13.00 2.57
CA ASP D 29 8.04 -12.39 3.47
C ASP D 29 7.02 -13.45 3.90
N ASN D 30 6.53 -13.36 5.14
CA ASN D 30 5.48 -14.28 5.64
C ASN D 30 4.38 -13.41 6.22
N SER D 31 3.16 -13.55 5.72
CA SER D 31 2.00 -12.78 6.24
C SER D 31 1.24 -13.70 7.17
N CYS D 32 1.78 -14.89 7.43
CA CYS D 32 1.03 -15.91 8.20
C CYS D 32 1.34 -15.93 9.69
N SER D 33 0.95 -17.02 10.34
CA SER D 33 1.15 -17.16 11.80
C SER D 33 2.33 -18.07 12.05
N MET D 34 3.21 -17.66 12.95
CA MET D 34 4.36 -18.51 13.34
C MET D 34 4.08 -18.90 14.78
N GLY D 35 4.22 -20.18 15.13
CA GLY D 35 3.84 -20.60 16.48
C GLY D 35 4.82 -21.55 17.12
N TRP D 36 4.80 -21.63 18.44
CA TRP D 36 5.75 -22.48 19.19
C TRP D 36 4.98 -23.55 19.95
N TYR D 37 5.53 -24.76 20.01
CA TYR D 37 4.88 -25.89 20.70
C TYR D 37 5.94 -26.67 21.44
N ARG D 38 5.55 -27.40 22.49
CA ARG D 38 6.50 -28.25 23.26
C ARG D 38 5.97 -29.67 23.37
N GLN D 39 6.82 -30.67 23.14
CA GLN D 39 6.39 -32.07 23.33
C GLN D 39 7.36 -32.79 24.26
N ALA D 40 6.86 -33.26 25.39
CA ALA D 40 7.69 -34.06 26.30
C ALA D 40 7.59 -35.50 25.85
N PRO D 41 8.60 -36.36 26.05
CA PRO D 41 8.45 -37.77 25.70
C PRO D 41 7.34 -38.34 26.58
N GLY D 42 6.42 -39.11 25.97
CA GLY D 42 5.30 -39.68 26.72
C GLY D 42 4.19 -38.67 26.94
N ARG D 43 4.31 -37.50 26.31
CA ARG D 43 3.31 -36.43 26.52
C ARG D 43 2.91 -35.83 25.16
N GLU D 44 1.72 -35.23 25.10
CA GLU D 44 1.19 -34.67 23.83
C GLU D 44 1.82 -33.32 23.51
N ARG D 45 1.79 -32.91 22.24
CA ARG D 45 2.28 -31.56 21.85
C ARG D 45 1.32 -30.54 22.44
N GLU D 46 1.85 -29.51 23.07
CA GLU D 46 1.00 -28.50 23.72
C GLU D 46 1.35 -27.13 23.12
N LEU D 47 0.35 -26.32 22.81
CA LEU D 47 0.61 -25.02 22.19
C LEU D 47 1.29 -24.13 23.21
N ILE D 48 2.34 -23.43 22.80
CA ILE D 48 2.94 -22.42 23.70
C ILE D 48 2.26 -21.13 23.31
N GLY D 49 2.35 -20.79 22.03
CA GLY D 49 1.78 -19.52 21.57
C GLY D 49 1.79 -19.35 20.07
N THR D 50 1.11 -18.32 19.59
CA THR D 50 1.09 -18.00 18.15
C THR D 50 1.43 -16.52 18.02
N ILE D 51 2.16 -16.14 16.99
CA ILE D 51 2.48 -14.70 16.76
C ILE D 51 2.26 -14.37 15.29
N ILE D 52 1.91 -13.11 15.00
CA ILE D 52 1.79 -12.64 13.60
C ILE D 52 2.75 -11.47 13.48
N SER D 53 2.89 -10.90 12.31
CA SER D 53 3.93 -9.86 12.07
C SER D 53 3.72 -8.63 12.95
N ASP D 54 2.49 -8.23 13.22
CA ASP D 54 2.19 -6.97 13.94
C ASP D 54 2.72 -7.04 15.37
N GLY D 55 2.90 -8.24 15.88
CA GLY D 55 3.34 -8.40 17.27
C GLY D 55 2.27 -9.03 18.11
N THR D 56 1.15 -9.38 17.49
CA THR D 56 0.03 -9.94 18.25
C THR D 56 0.41 -11.36 18.63
N THR D 57 0.17 -11.73 19.88
CA THR D 57 0.60 -13.05 20.37
C THR D 57 -0.53 -13.69 21.15
N TYR D 58 -0.59 -15.02 21.21
CA TYR D 58 -1.57 -15.72 22.07
C TYR D 58 -0.75 -16.64 22.95
N TYR D 59 -1.00 -16.66 24.25
CA TYR D 59 -0.28 -17.59 25.14
C TYR D 59 -1.26 -18.65 25.64
N SER D 60 -0.76 -19.84 25.97
CA SER D 60 -1.61 -20.99 26.33
C SER D 60 -2.25 -20.85 27.70
N ASP D 61 -1.88 -19.83 28.47
CA ASP D 61 -2.51 -19.54 29.79
C ASP D 61 -1.77 -20.34 30.85
N ALA D 62 -0.84 -21.20 30.43
CA ALA D 62 -0.03 -21.95 31.40
C ALA D 62 1.38 -21.41 31.26
N VAL D 63 1.61 -20.76 30.12
CA VAL D 63 2.96 -20.19 29.84
C VAL D 63 2.87 -18.72 30.20
N LYS D 64 1.81 -18.34 30.91
CA LYS D 64 1.62 -16.92 31.27
C LYS D 64 2.70 -16.47 32.23
N GLY D 65 3.34 -15.35 31.94
CA GLY D 65 4.32 -14.77 32.86
C GLY D 65 5.70 -15.32 32.69
N ARG D 66 5.84 -16.39 31.93
CA ARG D 66 7.16 -17.04 31.77
C ARG D 66 7.57 -17.07 30.31
N PHE D 67 6.67 -17.48 29.43
CA PHE D 67 7.04 -17.63 28.00
C PHE D 67 6.62 -16.39 27.22
N THR D 68 7.48 -15.95 26.30
CA THR D 68 7.26 -14.74 25.49
C THR D 68 7.59 -15.12 24.04
N ILE D 69 6.92 -14.52 23.05
CA ILE D 69 7.23 -14.79 21.62
C ILE D 69 7.51 -13.47 20.89
N SER D 70 8.53 -13.42 20.04
CA SER D 70 8.91 -12.20 19.28
C SER D 70 9.15 -12.62 17.84
N LEU D 71 9.08 -11.70 16.88
CA LEU D 71 9.35 -12.00 15.46
C LEU D 71 10.23 -10.93 14.83
N ASP D 72 11.17 -11.32 13.96
CA ASP D 72 11.94 -10.32 13.19
C ASP D 72 11.45 -10.55 11.77
N ASN D 73 10.83 -9.56 11.16
CA ASN D 73 10.22 -9.80 9.84
C ASN D 73 11.36 -9.94 8.84
N ALA D 74 12.29 -9.00 8.82
CA ALA D 74 13.51 -9.21 8.01
C ALA D 74 14.27 -10.21 8.85
N LYS D 75 15.13 -11.04 8.30
CA LYS D 75 15.73 -12.08 9.16
C LYS D 75 14.53 -12.82 9.72
N ASN D 76 13.85 -13.61 8.90
CA ASN D 76 12.56 -14.18 9.32
C ASN D 76 12.75 -15.20 10.41
N THR D 77 12.86 -14.73 11.65
CA THR D 77 13.05 -15.61 12.81
C THR D 77 12.01 -15.33 13.88
N VAL D 78 11.36 -16.37 14.41
CA VAL D 78 10.43 -16.21 15.56
C VAL D 78 11.21 -16.69 16.77
N TYR D 79 10.95 -16.11 17.94
CA TYR D 79 11.76 -16.44 19.14
C TYR D 79 10.86 -16.78 20.33
N LEU D 80 11.34 -17.60 21.26
CA LEU D 80 10.60 -17.93 22.51
C LEU D 80 11.53 -17.63 23.67
N GLN D 81 11.09 -16.82 24.61
CA GLN D 81 11.90 -16.53 25.81
C GLN D 81 11.22 -17.27 26.94
N MET D 82 11.95 -18.16 27.59
CA MET D 82 11.37 -18.96 28.66
C MET D 82 12.14 -18.59 29.92
N ASN D 83 11.44 -18.25 31.00
CA ASN D 83 12.09 -17.77 32.23
C ASN D 83 11.62 -18.61 33.40
N ASN D 84 12.40 -18.67 34.48
CA ASN D 84 12.09 -19.52 35.65
C ASN D 84 11.89 -20.91 35.10
N LEU D 85 12.75 -21.30 34.18
CA LEU D 85 12.68 -22.65 33.63
C LEU D 85 12.89 -23.62 34.79
N LYS D 86 12.09 -24.67 34.86
CA LYS D 86 12.13 -25.64 35.98
C LYS D 86 12.29 -27.01 35.33
N PRO D 87 12.59 -28.09 36.06
CA PRO D 87 12.86 -29.36 35.42
C PRO D 87 11.71 -29.84 34.54
N GLU D 88 10.47 -29.58 34.91
CA GLU D 88 9.28 -30.09 34.18
C GLU D 88 9.25 -29.59 32.75
N ASP D 89 9.85 -28.44 32.49
CA ASP D 89 9.85 -27.81 31.15
C ASP D 89 10.70 -28.62 30.17
N THR D 90 11.48 -29.59 30.66
CA THR D 90 12.39 -30.30 29.74
C THR D 90 11.53 -30.96 28.68
N ALA D 91 11.81 -30.65 27.42
CA ALA D 91 11.00 -31.20 26.33
C ALA D 91 11.56 -30.74 24.99
N MET D 92 10.94 -31.20 23.91
CA MET D 92 11.38 -30.79 22.56
C MET D 92 10.54 -29.59 22.18
N TYR D 93 11.21 -28.52 21.79
CA TYR D 93 10.49 -27.29 21.43
C TYR D 93 10.51 -27.22 19.90
N ILE D 94 9.34 -27.16 19.27
CA ILE D 94 9.24 -27.17 17.78
C ILE D 94 8.50 -25.89 17.36
N CYS D 95 8.67 -25.47 16.11
CA CYS D 95 8.01 -24.24 15.60
C CYS D 95 7.28 -24.55 14.30
N ASN D 96 6.20 -23.81 14.04
CA ASN D 96 5.39 -24.04 12.82
C ASN D 96 4.99 -22.71 12.20
N THR D 97 4.86 -22.65 10.88
CA THR D 97 4.27 -21.46 10.24
C THR D 97 3.24 -22.02 9.28
N GLY D 98 2.03 -21.51 9.25
CA GLY D 98 1.09 -21.98 8.23
C GLY D 98 -0.32 -22.11 8.73
N TRP D 99 -1.24 -22.51 7.86
CA TRP D 99 -2.65 -22.71 8.25
C TRP D 99 -3.20 -21.40 8.80
N SER D 100 -2.83 -20.27 8.21
CA SER D 100 -3.25 -19.01 8.85
C SER D 100 -3.54 -17.82 7.95
N GLN D 101 -4.45 -17.92 7.00
CA GLN D 101 -4.92 -16.70 6.28
C GLN D 101 -3.89 -16.08 5.33
N GLY D 102 -2.70 -15.72 5.82
CA GLY D 102 -1.74 -14.98 4.99
C GLY D 102 -0.99 -15.84 4.01
N SER D 103 0.00 -15.28 3.31
CA SER D 103 0.75 -16.04 2.28
C SER D 103 2.26 -15.96 2.49
N LEU D 104 3.00 -16.97 2.02
CA LEU D 104 4.48 -16.98 2.08
C LEU D 104 4.95 -16.62 0.68
N VAL D 105 5.89 -15.70 0.54
CA VAL D 105 6.28 -15.23 -0.82
C VAL D 105 7.80 -15.07 -0.93
N ASN D 106 8.37 -15.24 -2.12
CA ASN D 106 9.81 -14.96 -2.37
C ASN D 106 9.85 -13.89 -3.46
N ARG D 107 10.12 -12.64 -3.09
CA ARG D 107 10.07 -11.52 -4.05
C ARG D 107 11.13 -11.69 -5.14
N THR D 108 12.25 -12.32 -4.82
CA THR D 108 13.28 -12.56 -5.86
C THR D 108 12.72 -13.46 -6.96
N THR D 109 12.00 -14.52 -6.61
CA THR D 109 11.56 -15.50 -7.63
C THR D 109 10.13 -15.20 -8.11
N GLY D 110 9.26 -14.69 -7.25
CA GLY D 110 7.86 -14.52 -7.62
C GLY D 110 7.00 -15.65 -7.07
N TRP D 111 7.59 -16.51 -6.24
CA TRP D 111 6.84 -17.64 -5.64
C TRP D 111 5.86 -17.13 -4.61
N THR D 112 4.69 -17.77 -4.50
CA THR D 112 3.69 -17.45 -3.47
C THR D 112 3.01 -18.74 -3.06
N ARG D 113 2.74 -18.94 -1.78
CA ARG D 113 1.94 -20.12 -1.37
C ARG D 113 0.97 -19.69 -0.27
N ASP D 114 -0.29 -20.17 -0.32
CA ASP D 114 -1.30 -19.70 0.65
C ASP D 114 -1.18 -20.52 1.92
N CYS D 115 -0.95 -19.84 3.03
CA CYS D 115 -0.79 -20.50 4.32
C CYS D 115 -2.09 -21.19 4.70
N TRP D 116 -3.23 -20.77 4.18
CA TRP D 116 -4.48 -21.43 4.63
C TRP D 116 -4.45 -22.91 4.28
N SER D 117 -3.95 -23.25 3.10
CA SER D 117 -3.93 -24.66 2.63
C SER D 117 -2.55 -25.29 2.81
N PHE D 118 -1.61 -24.60 3.48
CA PHE D 118 -0.22 -25.09 3.60
C PHE D 118 0.34 -24.87 5.01
N GLY D 119 1.27 -25.73 5.41
CA GLY D 119 1.95 -25.54 6.69
C GLY D 119 3.35 -26.11 6.68
N ILE D 120 4.26 -25.50 7.44
CA ILE D 120 5.65 -26.02 7.55
C ILE D 120 5.93 -26.29 9.03
N TRP D 121 6.54 -27.44 9.34
CA TRP D 121 6.89 -27.80 10.74
C TRP D 121 8.41 -27.86 10.88
N GLY D 122 8.95 -27.25 11.91
CA GLY D 122 10.41 -27.27 12.17
C GLY D 122 10.89 -28.60 12.71
N GLN D 123 12.19 -28.89 12.58
CA GLN D 123 12.73 -30.21 12.98
C GLN D 123 12.62 -30.43 14.50
N GLY D 124 12.96 -29.41 15.29
CA GLY D 124 12.89 -29.52 16.76
C GLY D 124 14.18 -29.19 17.47
N THR D 125 14.11 -28.78 18.74
CA THR D 125 15.33 -28.53 19.57
C THR D 125 15.00 -29.01 20.99
N GLN D 126 15.99 -29.44 21.77
CA GLN D 126 15.66 -30.02 23.11
C GLN D 126 16.12 -29.09 24.21
N VAL D 127 15.21 -28.78 25.14
CA VAL D 127 15.60 -27.98 26.32
C VAL D 127 15.60 -28.93 27.50
N THR D 128 16.77 -29.16 28.07
CA THR D 128 16.90 -29.98 29.27
C THR D 128 17.22 -29.06 30.43
N VAL D 129 16.39 -29.13 31.47
CA VAL D 129 16.53 -28.25 32.63
C VAL D 129 16.80 -29.14 33.84
N SER D 130 17.91 -28.87 34.53
CA SER D 130 18.43 -29.75 35.58
C SER D 130 18.68 -29.00 36.88
N SER D 131 18.64 -29.74 37.99
CA SER D 131 18.82 -29.19 39.34
C SER D 131 20.30 -28.97 39.72
#